data_3EJP
#
_entry.id   3EJP
#
_cell.length_a   69.025
_cell.length_b   109.883
_cell.length_c   138.959
_cell.angle_alpha   90.000
_cell.angle_beta   90.000
_cell.angle_gamma   90.000
#
_symmetry.space_group_name_H-M   'P 21 21 21'
#
loop_
_entity.id
_entity.type
_entity.pdbx_description
1 polymer 'Alpha-mannosidase 2'
2 non-polymer 2-acetamido-2-deoxy-beta-D-glucopyranose
3 non-polymer 'ZINC ION'
4 non-polymer (4R)-2-METHYLPENTANE-2,4-DIOL
5 non-polymer 1-phenyl-2-[(1S,2R,5R,8R,8aR)-1,2,8-trihydroxyoctahydroindolizin-5-yl]ethanone
6 water water
#
_entity_poly.entity_id   1
_entity_poly.type   'polypeptide(L)'
_entity_poly.pdbx_seq_one_letter_code
;RSSHHHHHHGEFDDPIRPPLKVARSPRPGQCQDVVQDVPNVDVQMLELYDRMSFKDIDGGVWKQGWNIKYDPLKYNAHHK
LKVFVVPHSHNDPGWIQTFEEYYQHDTKHILSNALRHLHDNPEMKFIWAEISYFARFYHDLGENKKLQMKSIVKNGQLEF
VTGGWVMPDEANSHWRNVLLQLTEGQTWLKQFMNVTPTASWAIDPFGHSPTMPYILQKSGFKNMLIQRTHYSVKKELAQQ
RQLEFLWRQIWDNKGDTALFTHMMPFYSYDIPHTCGPDPKVCCQFDFKRMGSFGLSCPWKVPPRTISDQNVAARSDLLVD
QWKKKAELYRTNVLLIPLGDDFRFKQNTEWDVQRVNYERLFEHINSQAHFNVQAQFGTLQEYFDAVHQAERAGQAEFPTL
SGDFFTYADRSDNYWSGYYTSRPYHKRMDRVLMHYVRAAEMLSAWHSWDGMARIEERLEQARRELSLFQHHDGITGTAKT
HVVVDYEQRMQEALKACQMVMQQSVYRLLTKPSIYSPDFSFSYFTLDDSRWPGSGVEDSRTTIILGEDILPSKHVVMHNT
LPHWREQLVDFYVSSPFVSVTDLANNPVEAQVSPVWSWHHDTLTKTIHPQGSTTKYRIIFKARVPPMGLATYVLTISDSK
PEHTSYASNLLLRKNPTSLPLGQYPEDVKFGDPREISLRVGNGPTLAFSEQGLLKSIQLTQDSPHVPVHFKFLKYGVRSH
GDRSGAYLFLPNGPASPVELGQPVVLVTKGKLESSVSVGLPSVVHQTIMRGGAPEIRNLVDIGSLDNTEIVMRLETHIDS
GDIFYTDLNGLQFIKRRRLDKLPLQANYYPIPSGMFIEDANTRLTLLTGQPLGGSSLASGELEIMQDRRLASDDERGLGQ
GVLDNKPVLHIYRLVLEKVNNCVRPSKLHPAGYLTSAAHKASQSLLDPLDKFIFAENEWIGAQGQFGGDHPSAREDLDVS
VMRRLTKSSAKTQRVGYVLHRTNLMQCGTPEEHTQKLDVCHLLPNVARCERTTLTFLQNLEHLDGMVAPEVCPMETAAYV
SSHSS
;
_entity_poly.pdbx_strand_id   A
#
loop_
_chem_comp.id
_chem_comp.type
_chem_comp.name
_chem_comp.formula
HN2 non-polymer 1-phenyl-2-[(1S,2R,5R,8R,8aR)-1,2,8-trihydroxyoctahydroindolizin-5-yl]ethanone 'C16 H21 N O4'
MRD non-polymer (4R)-2-METHYLPENTANE-2,4-DIOL 'C6 H14 O2'
NAG D-saccharide, beta linking 2-acetamido-2-deoxy-beta-D-glucopyranose 'C8 H15 N O6'
ZN non-polymer 'ZINC ION' 'Zn 2'
#
# COMPACT_ATOMS: atom_id res chain seq x y z
N GLN A 30 -24.13 -1.80 20.86
CA GLN A 30 -22.98 -2.70 20.60
C GLN A 30 -21.96 -2.05 19.67
N CYS A 31 -22.05 -2.33 18.37
CA CYS A 31 -21.15 -1.73 17.39
C CYS A 31 -21.52 -0.26 17.18
N GLN A 32 -20.50 0.59 17.08
CA GLN A 32 -20.66 1.98 16.67
C GLN A 32 -21.26 2.03 15.28
N ASP A 33 -22.13 3.02 15.08
CA ASP A 33 -22.69 3.30 13.75
C ASP A 33 -21.69 4.20 12.98
N VAL A 34 -21.10 3.67 11.92
CA VAL A 34 -20.04 4.39 11.17
C VAL A 34 -20.58 5.26 10.05
N VAL A 35 -21.90 5.30 9.91
CA VAL A 35 -22.54 6.04 8.82
C VAL A 35 -23.28 7.30 9.27
N GLN A 36 -24.04 7.16 10.36
CA GLN A 36 -25.09 8.13 10.70
C GLN A 36 -24.75 9.12 11.81
N ASP A 37 -23.62 8.92 12.47
CA ASP A 37 -23.20 9.77 13.58
C ASP A 37 -21.91 10.52 13.22
N VAL A 38 -22.03 11.79 12.89
CA VAL A 38 -20.86 12.60 12.51
C VAL A 38 -20.02 12.89 13.77
N PRO A 39 -18.76 12.43 13.82
CA PRO A 39 -17.95 12.72 15.02
C PRO A 39 -17.73 14.21 15.27
N ASN A 40 -17.73 14.56 16.56
CA ASN A 40 -17.40 15.91 16.96
C ASN A 40 -15.91 15.97 17.34
N VAL A 41 -15.10 16.61 16.49
CA VAL A 41 -13.64 16.71 16.75
C VAL A 41 -13.22 18.17 16.72
N ASP A 42 -12.13 18.49 17.42
CA ASP A 42 -11.64 19.87 17.42
C ASP A 42 -11.08 20.30 16.06
N VAL A 43 -10.41 19.36 15.39
CA VAL A 43 -9.81 19.62 14.07
C VAL A 43 -10.27 18.50 13.14
N GLN A 44 -10.98 18.89 12.06
CA GLN A 44 -11.37 17.93 11.04
C GLN A 44 -10.69 18.40 9.77
N MET A 45 -9.79 17.58 9.21
CA MET A 45 -8.88 18.10 8.18
C MET A 45 -9.57 18.61 6.91
N LEU A 46 -10.68 18.00 6.52
CA LEU A 46 -11.40 18.49 5.33
C LEU A 46 -11.98 19.90 5.63
N GLU A 47 -12.50 20.10 6.84
CA GLU A 47 -13.06 21.39 7.23
C GLU A 47 -11.93 22.40 7.33
N LEU A 48 -10.80 22.02 7.90
CA LEU A 48 -9.67 22.92 7.99
C LEU A 48 -9.20 23.35 6.60
N TYR A 49 -9.10 22.39 5.68
CA TYR A 49 -8.73 22.68 4.30
C TYR A 49 -9.69 23.69 3.64
N ASP A 50 -10.99 23.60 3.95
CA ASP A 50 -11.99 24.47 3.35
C ASP A 50 -11.77 25.92 3.82
N ARG A 51 -11.36 26.08 5.08
CA ARG A 51 -11.19 27.41 5.70
C ARG A 51 -9.84 28.05 5.45
N MET A 52 -8.78 27.24 5.39
CA MET A 52 -7.41 27.73 5.21
CA MET A 52 -7.43 27.79 5.23
C MET A 52 -7.19 28.46 3.89
N SER A 53 -6.34 29.49 3.92
CA SER A 53 -6.04 30.23 2.69
C SER A 53 -4.73 29.79 2.02
N PHE A 54 -3.88 29.06 2.74
CA PHE A 54 -2.64 28.50 2.17
C PHE A 54 -1.71 29.57 1.59
N LYS A 55 -1.69 30.76 2.17
CA LYS A 55 -0.76 31.76 1.65
C LYS A 55 0.68 31.42 2.00
N ASP A 56 1.57 31.57 1.03
CA ASP A 56 2.96 31.20 1.18
C ASP A 56 3.80 32.47 1.39
N ILE A 57 3.72 33.02 2.60
CA ILE A 57 4.44 34.26 2.89
C ILE A 57 5.75 33.99 3.61
N ASP A 58 6.71 34.88 3.41
CA ASP A 58 7.98 34.82 4.09
C ASP A 58 7.79 35.14 5.57
N GLY A 59 7.97 34.14 6.42
CA GLY A 59 7.78 34.30 7.84
C GLY A 59 8.99 34.81 8.61
N GLY A 60 10.09 35.06 7.90
CA GLY A 60 11.34 35.45 8.56
C GLY A 60 12.31 34.26 8.62
N VAL A 61 13.10 34.17 9.69
CA VAL A 61 14.02 33.03 9.86
C VAL A 61 13.26 31.68 9.82
N TRP A 62 12.08 31.64 10.42
CA TRP A 62 11.18 30.49 10.23
C TRP A 62 10.41 30.83 8.97
N LYS A 63 10.91 30.34 7.84
CA LYS A 63 10.44 30.84 6.53
C LYS A 63 8.94 30.63 6.30
N GLN A 64 8.40 29.56 6.88
CA GLN A 64 7.00 29.23 6.65
C GLN A 64 6.13 29.42 7.89
N GLY A 65 6.68 30.15 8.87
CA GLY A 65 5.96 30.44 10.12
C GLY A 65 5.89 31.93 10.40
N TRP A 66 6.30 32.31 11.61
CA TRP A 66 6.31 33.71 12.05
C TRP A 66 7.42 33.84 13.08
N ASN A 67 7.71 35.07 13.50
CA ASN A 67 8.72 35.34 14.53
C ASN A 67 8.15 35.00 15.91
N ILE A 68 8.53 33.86 16.45
CA ILE A 68 7.95 33.40 17.70
C ILE A 68 8.46 34.25 18.86
N LYS A 69 7.52 34.63 19.72
CA LYS A 69 7.81 35.42 20.93
C LYS A 69 7.42 34.60 22.14
N TYR A 70 8.16 34.74 23.24
CA TYR A 70 7.78 34.07 24.46
C TYR A 70 8.01 34.99 25.65
N ASP A 71 7.27 34.74 26.73
CA ASP A 71 7.43 35.48 27.97
C ASP A 71 8.53 34.80 28.78
N PRO A 72 9.67 35.50 29.01
CA PRO A 72 10.76 34.86 29.73
C PRO A 72 10.34 34.38 31.12
N LEU A 73 9.30 35.01 31.68
CA LEU A 73 8.82 34.64 33.01
C LEU A 73 7.91 33.40 33.04
N LYS A 74 7.64 32.80 31.89
CA LYS A 74 6.83 31.59 31.82
C LYS A 74 7.45 30.43 32.61
N TYR A 75 8.77 30.30 32.52
CA TYR A 75 9.50 29.28 33.29
CA TYR A 75 9.47 29.26 33.28
C TYR A 75 10.21 29.90 34.47
N ASN A 76 10.20 29.19 35.59
CA ASN A 76 10.78 29.64 36.87
C ASN A 76 11.16 28.40 37.71
N ALA A 77 11.65 28.60 38.94
CA ALA A 77 12.14 27.46 39.75
C ALA A 77 11.11 26.35 39.98
N HIS A 78 9.84 26.72 40.02
CA HIS A 78 8.77 25.76 40.32
C HIS A 78 8.11 25.25 39.05
N HIS A 79 8.54 25.81 37.91
CA HIS A 79 8.01 25.40 36.62
C HIS A 79 9.10 25.47 35.54
N LYS A 80 9.91 24.43 35.47
CA LYS A 80 11.04 24.40 34.54
C LYS A 80 10.68 23.78 33.20
N LEU A 81 11.41 24.16 32.17
CA LEU A 81 11.29 23.50 30.86
C LEU A 81 12.17 22.25 30.84
N LYS A 82 11.56 21.09 30.61
CA LYS A 82 12.29 19.83 30.56
CA LYS A 82 12.30 19.84 30.55
C LYS A 82 12.55 19.53 29.10
N VAL A 83 13.82 19.41 28.73
CA VAL A 83 14.21 19.23 27.34
C VAL A 83 14.84 17.86 27.11
N PHE A 84 14.28 17.10 26.16
CA PHE A 84 14.83 15.78 25.81
C PHE A 84 15.46 15.87 24.42
N VAL A 85 16.79 15.73 24.38
CA VAL A 85 17.54 15.69 23.13
C VAL A 85 17.67 14.23 22.74
N VAL A 86 17.08 13.86 21.60
CA VAL A 86 16.92 12.45 21.21
C VAL A 86 17.78 12.15 19.98
N PRO A 87 18.98 11.55 20.17
CA PRO A 87 19.85 11.23 19.03
C PRO A 87 19.23 10.17 18.14
N HIS A 88 19.38 10.34 16.83
CA HIS A 88 18.77 9.40 15.87
C HIS A 88 19.56 9.38 14.58
N SER A 89 19.30 8.38 13.75
CA SER A 89 20.00 8.18 12.50
C SER A 89 18.98 7.61 11.50
N HIS A 90 18.65 8.37 10.46
CA HIS A 90 17.63 7.92 9.53
C HIS A 90 18.30 7.03 8.47
N ASN A 91 17.94 5.74 8.48
CA ASN A 91 18.59 4.76 7.61
C ASN A 91 17.61 4.18 6.60
N ASP A 92 17.71 4.58 5.36
CA ASP A 92 16.82 4.08 4.31
C ASP A 92 17.21 2.69 3.83
N PRO A 93 16.29 1.71 3.89
CA PRO A 93 16.53 0.36 3.32
C PRO A 93 16.45 0.38 1.79
N GLY A 94 17.40 1.10 1.18
CA GLY A 94 17.42 1.36 -0.24
C GLY A 94 16.94 2.77 -0.54
N TRP A 95 17.68 3.46 -1.42
CA TRP A 95 17.24 4.75 -1.98
C TRP A 95 18.21 5.10 -3.12
N ILE A 96 19.34 5.73 -2.79
CA ILE A 96 20.43 6.01 -3.75
C ILE A 96 21.45 4.85 -3.85
N GLN A 97 21.41 3.97 -2.85
N GLN A 97 21.42 3.97 -2.85
CA GLN A 97 22.15 2.72 -2.84
CA GLN A 97 22.16 2.71 -2.90
C GLN A 97 21.16 1.60 -2.52
C GLN A 97 21.16 1.61 -2.56
N THR A 98 21.51 0.36 -2.80
CA THR A 98 20.66 -0.76 -2.39
C THR A 98 20.74 -0.94 -0.87
N PHE A 99 19.81 -1.72 -0.33
CA PHE A 99 19.87 -2.16 1.06
C PHE A 99 21.27 -2.68 1.41
N GLU A 100 21.79 -3.63 0.62
CA GLU A 100 23.06 -4.25 0.98
C GLU A 100 24.24 -3.27 0.86
N GLU A 101 24.20 -2.38 -0.15
CA GLU A 101 25.27 -1.37 -0.31
C GLU A 101 25.28 -0.43 0.89
N TYR A 102 24.13 0.08 1.28
CA TYR A 102 24.06 0.94 2.47
C TYR A 102 24.51 0.17 3.72
N TYR A 103 24.10 -1.09 3.86
CA TYR A 103 24.45 -1.86 5.04
C TYR A 103 25.98 -1.95 5.15
N GLN A 104 26.63 -2.27 4.03
CA GLN A 104 28.09 -2.43 4.03
C GLN A 104 28.81 -1.11 4.22
N HIS A 105 28.33 -0.03 3.59
CA HIS A 105 29.09 1.23 3.57
C HIS A 105 28.80 2.07 4.81
N ASP A 106 27.58 1.96 5.35
CA ASP A 106 27.12 2.90 6.37
C ASP A 106 26.51 2.24 7.59
N THR A 107 25.43 1.49 7.39
CA THR A 107 24.62 1.08 8.54
C THR A 107 25.37 0.12 9.50
N LYS A 108 26.16 -0.80 8.98
CA LYS A 108 26.85 -1.70 9.90
C LYS A 108 27.82 -0.95 10.81
N HIS A 109 28.40 0.11 10.28
CA HIS A 109 29.31 0.96 11.07
C HIS A 109 28.57 1.81 12.09
N ILE A 110 27.43 2.33 11.68
CA ILE A 110 26.57 3.09 12.59
C ILE A 110 26.18 2.23 13.80
N LEU A 111 25.71 1.02 13.54
CA LEU A 111 25.27 0.14 14.62
C LEU A 111 26.42 -0.36 15.47
N SER A 112 27.55 -0.67 14.83
CA SER A 112 28.75 -1.09 15.59
C SER A 112 29.24 0.03 16.51
N ASN A 113 29.24 1.26 16.00
CA ASN A 113 29.73 2.37 16.81
C ASN A 113 28.70 2.82 17.82
N ALA A 114 27.41 2.64 17.53
CA ALA A 114 26.39 2.88 18.57
C ALA A 114 26.58 1.92 19.73
N LEU A 115 26.82 0.65 19.42
CA LEU A 115 27.01 -0.33 20.47
C LEU A 115 28.19 0.07 21.39
N ARG A 116 29.30 0.40 20.78
CA ARG A 116 30.48 0.79 21.54
C ARG A 116 30.26 2.07 22.37
N HIS A 117 29.75 3.10 21.69
CA HIS A 117 29.63 4.38 22.35
C HIS A 117 28.58 4.39 23.45
N LEU A 118 27.43 3.76 23.22
CA LEU A 118 26.42 3.67 24.28
C LEU A 118 26.94 2.81 25.44
N HIS A 119 27.59 1.70 25.13
CA HIS A 119 28.18 0.89 26.19
C HIS A 119 29.10 1.73 27.08
N ASP A 120 29.95 2.54 26.46
CA ASP A 120 30.99 3.30 27.18
C ASP A 120 30.49 4.59 27.82
N ASN A 121 29.30 5.05 27.46
CA ASN A 121 28.78 6.35 27.90
C ASN A 121 27.34 6.19 28.39
N PRO A 122 27.18 5.80 29.66
CA PRO A 122 25.88 5.37 30.17
C PRO A 122 24.71 6.34 30.08
N GLU A 123 25.00 7.64 29.99
CA GLU A 123 23.91 8.63 29.87
C GLU A 123 23.55 8.96 28.42
N MET A 124 24.33 8.47 27.46
CA MET A 124 24.02 8.70 26.04
C MET A 124 22.86 7.80 25.64
N LYS A 125 22.02 8.28 24.72
CA LYS A 125 20.82 7.58 24.27
C LYS A 125 20.78 7.58 22.74
N PHE A 126 19.96 6.68 22.18
CA PHE A 126 19.84 6.56 20.71
C PHE A 126 18.54 5.85 20.42
N ILE A 127 17.84 6.27 19.37
CA ILE A 127 16.65 5.54 18.93
C ILE A 127 16.90 4.91 17.56
N TRP A 128 16.21 3.79 17.31
CA TRP A 128 16.39 3.03 16.08
C TRP A 128 15.03 2.60 15.54
N ALA A 129 14.81 2.80 14.23
CA ALA A 129 13.51 2.50 13.63
C ALA A 129 13.46 1.27 12.72
N GLU A 130 14.50 1.05 11.91
CA GLU A 130 14.39 0.12 10.76
C GLU A 130 14.92 -1.27 11.15
N ILE A 131 14.00 -2.20 11.39
CA ILE A 131 14.41 -3.51 11.92
C ILE A 131 15.03 -4.40 10.84
N SER A 132 14.73 -4.16 9.56
CA SER A 132 15.41 -4.90 8.48
C SER A 132 16.94 -4.78 8.65
N TYR A 133 17.42 -3.55 8.90
CA TYR A 133 18.86 -3.35 9.14
C TYR A 133 19.32 -3.93 10.47
N PHE A 134 18.54 -3.73 11.52
CA PHE A 134 18.98 -4.16 12.84
C PHE A 134 19.10 -5.67 12.90
N ALA A 135 18.14 -6.38 12.30
CA ALA A 135 18.15 -7.84 12.34
C ALA A 135 19.37 -8.36 11.59
N ARG A 136 19.70 -7.75 10.46
CA ARG A 136 20.87 -8.10 9.63
CA ARG A 136 20.86 -8.19 9.71
C ARG A 136 22.10 -7.97 10.54
N PHE A 137 22.25 -6.80 11.14
CA PHE A 137 23.41 -6.50 11.96
C PHE A 137 23.54 -7.48 13.13
N TYR A 138 22.46 -7.65 13.90
CA TYR A 138 22.48 -8.47 15.11
C TYR A 138 22.84 -9.93 14.82
N HIS A 139 22.32 -10.47 13.72
N HIS A 139 22.28 -10.45 13.74
CA HIS A 139 22.60 -11.88 13.37
CA HIS A 139 22.54 -11.83 13.37
C HIS A 139 24.04 -12.12 12.94
C HIS A 139 24.05 -12.01 13.22
N ASP A 140 24.72 -11.03 12.60
CA ASP A 140 26.14 -11.11 12.24
C ASP A 140 27.09 -10.88 13.42
N LEU A 141 26.55 -10.45 14.56
CA LEU A 141 27.38 -10.21 15.76
C LEU A 141 27.78 -11.49 16.46
N GLY A 142 29.00 -11.48 17.03
CA GLY A 142 29.42 -12.53 17.96
C GLY A 142 28.59 -12.48 19.23
N GLU A 143 28.56 -13.59 19.95
CA GLU A 143 27.70 -13.73 21.11
C GLU A 143 28.01 -12.69 22.19
N ASN A 144 29.29 -12.37 22.40
CA ASN A 144 29.65 -11.35 23.40
C ASN A 144 28.97 -10.02 23.09
N LYS A 145 29.05 -9.60 21.83
CA LYS A 145 28.44 -8.35 21.39
C LYS A 145 26.91 -8.40 21.37
N LYS A 146 26.32 -9.57 21.02
CA LYS A 146 24.85 -9.74 21.15
C LYS A 146 24.42 -9.44 22.58
N LEU A 147 25.15 -9.98 23.55
CA LEU A 147 24.86 -9.77 24.96
C LEU A 147 25.01 -8.29 25.37
N GLN A 148 26.07 -7.63 24.91
CA GLN A 148 26.23 -6.20 25.16
C GLN A 148 25.07 -5.41 24.58
N MET A 149 24.64 -5.80 23.38
CA MET A 149 23.54 -5.13 22.70
C MET A 149 22.24 -5.29 23.49
N LYS A 150 21.95 -6.52 23.91
CA LYS A 150 20.74 -6.77 24.71
C LYS A 150 20.76 -5.93 25.99
N SER A 151 21.95 -5.71 26.56
CA SER A 151 22.08 -4.94 27.79
C SER A 151 21.74 -3.45 27.62
N ILE A 152 22.23 -2.84 26.54
CA ILE A 152 21.94 -1.43 26.31
C ILE A 152 20.49 -1.18 25.87
N VAL A 153 19.82 -2.22 25.39
CA VAL A 153 18.37 -2.14 25.12
C VAL A 153 17.61 -2.33 26.43
N LYS A 154 17.97 -3.36 27.20
CA LYS A 154 17.30 -3.62 28.46
C LYS A 154 17.38 -2.41 29.42
N ASN A 155 18.53 -1.73 29.45
CA ASN A 155 18.74 -0.56 30.33
C ASN A 155 18.22 0.77 29.77
N GLY A 156 17.64 0.74 28.57
CA GLY A 156 16.95 1.90 28.02
C GLY A 156 17.83 2.90 27.30
N GLN A 157 19.11 2.60 27.04
CA GLN A 157 19.96 3.52 26.28
C GLN A 157 19.65 3.50 24.79
N LEU A 158 19.46 2.30 24.24
CA LEU A 158 19.06 2.13 22.84
C LEU A 158 17.59 1.73 22.88
N GLU A 159 16.75 2.53 22.19
CA GLU A 159 15.32 2.30 22.20
C GLU A 159 14.80 2.17 20.77
N PHE A 160 14.05 1.11 20.53
CA PHE A 160 13.39 0.91 19.24
C PHE A 160 12.13 1.74 19.15
N VAL A 161 11.96 2.41 18.02
CA VAL A 161 10.80 3.23 17.76
C VAL A 161 10.08 2.63 16.56
N THR A 162 8.77 2.43 16.71
CA THR A 162 7.90 1.69 15.78
C THR A 162 8.26 0.20 15.76
N GLY A 163 9.46 -0.11 15.30
CA GLY A 163 9.89 -1.49 15.27
C GLY A 163 9.38 -2.27 14.06
N GLY A 164 8.95 -1.55 13.03
CA GLY A 164 8.66 -2.22 11.76
C GLY A 164 9.91 -2.62 10.97
N TRP A 165 9.73 -3.53 10.02
CA TRP A 165 10.83 -3.87 9.12
C TRP A 165 11.39 -2.60 8.46
N VAL A 166 10.49 -1.68 8.13
CA VAL A 166 10.83 -0.42 7.50
C VAL A 166 10.03 0.72 8.12
N MET A 167 10.27 1.93 7.63
CA MET A 167 9.40 3.08 7.89
C MET A 167 8.60 3.27 6.60
N PRO A 168 7.39 2.71 6.55
CA PRO A 168 6.73 2.61 5.23
C PRO A 168 6.18 3.89 4.64
N ASP A 169 6.11 3.92 3.32
CA ASP A 169 5.19 4.84 2.65
C ASP A 169 3.81 4.71 3.27
N GLU A 170 3.09 5.83 3.34
CA GLU A 170 1.71 5.84 3.85
C GLU A 170 0.66 6.13 2.78
N ALA A 171 1.10 6.45 1.55
CA ALA A 171 0.18 6.79 0.47
C ALA A 171 -0.23 5.60 -0.38
N ASN A 172 0.77 4.85 -0.86
CA ASN A 172 0.54 3.79 -1.86
C ASN A 172 0.36 2.42 -1.20
N SER A 173 0.82 2.30 0.03
CA SER A 173 0.86 1.00 0.70
C SER A 173 -0.54 0.51 1.06
N HIS A 174 -0.75 -0.80 0.89
CA HIS A 174 -1.98 -1.38 1.37
C HIS A 174 -1.89 -1.62 2.88
N TRP A 175 -2.98 -1.40 3.60
CA TRP A 175 -2.96 -1.63 5.04
C TRP A 175 -2.49 -3.03 5.39
N ARG A 176 -2.83 -4.03 4.57
CA ARG A 176 -2.41 -5.41 4.86
C ARG A 176 -0.88 -5.50 4.88
N ASN A 177 -0.22 -4.76 4.00
CA ASN A 177 1.25 -4.82 3.95
C ASN A 177 1.92 -3.92 4.99
N VAL A 178 1.23 -2.85 5.38
CA VAL A 178 1.71 -2.07 6.52
C VAL A 178 1.71 -2.95 7.76
N LEU A 179 0.65 -3.72 7.96
CA LEU A 179 0.59 -4.63 9.08
C LEU A 179 1.66 -5.73 8.94
N LEU A 180 1.84 -6.26 7.74
CA LEU A 180 2.79 -7.34 7.52
C LEU A 180 4.18 -6.88 7.94
N GLN A 181 4.60 -5.68 7.49
CA GLN A 181 5.98 -5.25 7.80
C GLN A 181 6.13 -4.88 9.28
N LEU A 182 5.07 -4.31 9.88
CA LEU A 182 5.10 -4.03 11.31
C LEU A 182 5.29 -5.32 12.10
N THR A 183 4.56 -6.35 11.69
CA THR A 183 4.60 -7.62 12.36
C THR A 183 5.98 -8.28 12.18
N GLU A 184 6.56 -8.16 10.99
CA GLU A 184 7.87 -8.80 10.73
C GLU A 184 8.92 -8.19 11.67
N GLY A 185 8.94 -6.86 11.75
CA GLY A 185 9.92 -6.21 12.65
C GLY A 185 9.65 -6.49 14.12
N GLN A 186 8.40 -6.41 14.52
CA GLN A 186 8.11 -6.54 15.96
C GLN A 186 8.25 -7.99 16.43
N THR A 187 7.92 -8.94 15.57
CA THR A 187 8.12 -10.34 15.94
C THR A 187 9.61 -10.63 16.18
N TRP A 188 10.46 -10.09 15.32
CA TRP A 188 11.90 -10.19 15.50
C TRP A 188 12.34 -9.55 16.82
N LEU A 189 11.85 -8.34 17.09
CA LEU A 189 12.23 -7.65 18.32
C LEU A 189 11.81 -8.41 19.56
N LYS A 190 10.59 -8.97 19.55
CA LYS A 190 10.15 -9.71 20.73
C LYS A 190 11.06 -10.93 20.98
N GLN A 191 11.36 -11.66 19.91
CA GLN A 191 12.14 -12.89 20.02
C GLN A 191 13.56 -12.60 20.51
N PHE A 192 14.23 -11.62 19.89
CA PHE A 192 15.66 -11.42 20.13
C PHE A 192 16.01 -10.34 21.15
N MET A 193 15.19 -9.30 21.24
CA MET A 193 15.46 -8.19 22.15
C MET A 193 14.53 -8.14 23.36
N ASN A 194 13.53 -9.01 23.39
CA ASN A 194 12.45 -8.95 24.37
C ASN A 194 11.78 -7.59 24.64
N VAL A 195 11.48 -6.87 23.57
CA VAL A 195 10.79 -5.58 23.67
C VAL A 195 9.77 -5.43 22.54
N THR A 196 8.72 -4.69 22.83
CA THR A 196 7.71 -4.31 21.83
C THR A 196 7.46 -2.81 21.95
N PRO A 197 7.91 -2.01 20.97
CA PRO A 197 7.71 -0.55 21.00
C PRO A 197 6.24 -0.19 21.10
N THR A 198 5.96 0.86 21.87
CA THR A 198 4.62 1.42 21.95
C THR A 198 4.59 2.88 21.45
N ALA A 199 5.73 3.39 20.98
CA ALA A 199 5.82 4.72 20.36
C ALA A 199 6.31 4.54 18.95
N SER A 200 5.67 5.25 18.02
CA SER A 200 6.03 5.21 16.60
C SER A 200 6.73 6.50 16.17
N TRP A 201 7.68 6.35 15.24
CA TRP A 201 8.51 7.43 14.69
C TRP A 201 8.46 7.36 13.17
N ALA A 202 7.83 8.36 12.53
CA ALA A 202 7.69 8.37 11.06
C ALA A 202 8.06 9.77 10.57
N ILE A 203 9.37 9.97 10.38
CA ILE A 203 9.90 11.30 10.08
C ILE A 203 10.03 11.59 8.58
N ASP A 204 9.95 10.57 7.72
CA ASP A 204 10.23 10.76 6.29
C ASP A 204 9.16 10.42 5.26
N PRO A 205 8.09 9.63 5.57
CA PRO A 205 7.09 9.40 4.50
C PRO A 205 6.45 10.69 3.99
N PHE A 206 6.00 10.71 2.73
CA PHE A 206 5.72 12.00 2.08
C PHE A 206 4.23 12.34 2.24
N GLY A 207 3.88 12.79 3.43
CA GLY A 207 2.49 12.88 3.86
C GLY A 207 2.12 11.67 4.72
N HIS A 208 1.02 11.80 5.47
CA HIS A 208 0.67 10.82 6.50
C HIS A 208 -0.81 10.41 6.46
N SER A 209 -1.03 9.12 6.75
CA SER A 209 -2.34 8.50 6.66
C SER A 209 -2.87 8.08 8.01
N PRO A 210 -4.20 8.26 8.25
CA PRO A 210 -4.79 7.78 9.51
C PRO A 210 -4.82 6.24 9.59
N THR A 211 -4.50 5.53 8.50
CA THR A 211 -4.37 4.09 8.60
C THR A 211 -3.28 3.71 9.61
N MET A 212 -2.26 4.57 9.74
CA MET A 212 -1.20 4.28 10.71
C MET A 212 -1.71 4.23 12.16
N PRO A 213 -2.30 5.31 12.69
CA PRO A 213 -2.84 5.17 14.07
C PRO A 213 -3.87 4.05 14.17
N TYR A 214 -4.66 3.79 13.12
CA TYR A 214 -5.61 2.68 13.17
C TYR A 214 -4.91 1.37 13.51
N ILE A 215 -3.86 1.04 12.73
CA ILE A 215 -3.15 -0.23 12.94
C ILE A 215 -2.37 -0.19 14.25
N LEU A 216 -1.68 0.93 14.51
CA LEU A 216 -0.82 1.02 15.68
C LEU A 216 -1.63 0.90 16.97
N GLN A 217 -2.79 1.58 17.03
CA GLN A 217 -3.59 1.54 18.25
C GLN A 217 -4.12 0.14 18.51
N LYS A 218 -4.34 -0.66 17.47
CA LYS A 218 -4.77 -2.05 17.58
C LYS A 218 -3.59 -3.03 17.75
N SER A 219 -2.39 -2.47 17.82
CA SER A 219 -1.15 -3.24 18.02
C SER A 219 -0.38 -2.81 19.27
N GLY A 220 -1.12 -2.26 20.25
CA GLY A 220 -0.53 -1.92 21.54
C GLY A 220 0.08 -0.53 21.68
N PHE A 221 0.13 0.26 20.60
CA PHE A 221 0.79 1.56 20.69
C PHE A 221 0.01 2.56 21.53
N LYS A 222 0.74 3.50 22.13
CA LYS A 222 0.20 4.60 22.91
C LYS A 222 0.51 5.96 22.34
N ASN A 223 1.51 6.05 21.45
CA ASN A 223 1.95 7.37 20.94
C ASN A 223 2.56 7.22 19.56
N MET A 224 2.47 8.28 18.77
CA MET A 224 3.13 8.30 17.47
C MET A 224 3.60 9.71 17.11
N LEU A 225 4.60 9.75 16.24
CA LEU A 225 5.20 11.03 15.79
C LEU A 225 5.22 11.04 14.27
N ILE A 226 4.87 12.19 13.69
CA ILE A 226 4.90 12.41 12.25
C ILE A 226 5.60 13.75 11.94
N GLN A 227 6.03 13.91 10.70
CA GLN A 227 6.79 15.10 10.28
C GLN A 227 6.33 15.75 8.97
N ARG A 228 6.16 14.96 7.91
CA ARG A 228 5.96 15.58 6.62
C ARG A 228 4.50 15.88 6.36
N THR A 229 4.09 17.04 6.82
CA THR A 229 2.76 17.59 6.54
C THR A 229 2.95 18.94 5.87
N HIS A 230 1.93 19.35 5.12
CA HIS A 230 1.98 20.60 4.36
C HIS A 230 2.43 21.76 5.23
N TYR A 231 3.35 22.58 4.73
CA TYR A 231 3.82 23.71 5.52
C TYR A 231 2.70 24.62 6.04
N SER A 232 1.60 24.74 5.28
CA SER A 232 0.49 25.61 5.74
C SER A 232 -0.24 24.96 6.91
N VAL A 233 -0.31 23.63 6.93
CA VAL A 233 -0.92 22.90 8.03
C VAL A 233 -0.06 23.08 9.31
N LYS A 234 1.26 22.91 9.17
CA LYS A 234 2.13 23.14 10.32
C LYS A 234 1.89 24.55 10.91
N LYS A 235 1.79 25.56 10.03
CA LYS A 235 1.62 26.94 10.52
C LYS A 235 0.31 27.10 11.26
N GLU A 236 -0.78 26.58 10.67
CA GLU A 236 -2.11 26.71 11.26
C GLU A 236 -2.22 25.99 12.59
N LEU A 237 -1.75 24.75 12.64
CA LEU A 237 -1.82 24.01 13.89
C LEU A 237 -0.88 24.59 14.93
N ALA A 238 0.29 25.08 14.52
CA ALA A 238 1.22 25.69 15.49
C ALA A 238 0.58 26.92 16.13
N GLN A 239 -0.10 27.73 15.33
CA GLN A 239 -0.76 28.93 15.87
C GLN A 239 -1.76 28.63 16.98
N GLN A 240 -2.38 27.46 16.91
CA GLN A 240 -3.43 27.04 17.83
C GLN A 240 -2.92 26.04 18.87
N ARG A 241 -1.61 25.77 18.86
CA ARG A 241 -1.00 24.72 19.68
C ARG A 241 -1.78 23.42 19.53
N GLN A 242 -2.03 23.06 18.27
CA GLN A 242 -2.70 21.80 17.96
C GLN A 242 -1.78 20.83 17.24
N LEU A 243 -0.48 20.93 17.51
CA LEU A 243 0.49 20.01 16.89
C LEU A 243 0.55 18.67 17.61
N GLU A 244 0.03 18.61 18.84
CA GLU A 244 -0.18 17.34 19.55
C GLU A 244 -1.67 17.14 19.67
N PHE A 245 -2.15 15.97 19.27
CA PHE A 245 -3.59 15.74 19.18
C PHE A 245 -3.91 14.27 19.32
N LEU A 246 -5.16 13.99 19.69
CA LEU A 246 -5.65 12.62 19.76
C LEU A 246 -6.25 12.28 18.40
N TRP A 247 -5.52 11.52 17.60
CA TRP A 247 -5.92 11.28 16.21
C TRP A 247 -6.84 10.08 16.15
N ARG A 248 -8.12 10.33 15.85
CA ARG A 248 -9.10 9.25 15.72
C ARG A 248 -9.50 9.07 14.26
N GLN A 249 -10.12 7.94 13.95
CA GLN A 249 -10.61 7.71 12.59
C GLN A 249 -11.79 8.62 12.24
N ILE A 250 -11.95 8.90 10.94
CA ILE A 250 -12.95 9.87 10.50
C ILE A 250 -14.40 9.48 10.85
N TRP A 251 -14.65 8.18 11.04
CA TRP A 251 -16.02 7.71 11.33
C TRP A 251 -16.25 7.43 12.82
N ASP A 252 -15.23 7.64 13.64
CA ASP A 252 -15.24 7.19 15.02
C ASP A 252 -15.90 8.20 15.95
N ASN A 253 -17.17 7.96 16.29
CA ASN A 253 -17.92 8.91 17.10
C ASN A 253 -17.46 8.94 18.56
N LYS A 254 -17.14 7.76 19.09
CA LYS A 254 -16.82 7.61 20.52
C LYS A 254 -15.39 8.01 20.82
N GLY A 255 -14.48 7.71 19.90
CA GLY A 255 -13.06 8.03 20.09
C GLY A 255 -12.19 6.86 20.54
N ASP A 256 -12.72 5.65 20.50
CA ASP A 256 -11.99 4.43 20.89
CA ASP A 256 -11.94 4.48 20.93
C ASP A 256 -10.76 4.15 20.04
N THR A 257 -10.73 4.70 18.83
CA THR A 257 -9.57 4.50 17.94
C THR A 257 -8.44 5.51 18.17
N ALA A 258 -8.66 6.51 19.04
CA ALA A 258 -7.72 7.63 19.15
C ALA A 258 -6.32 7.21 19.58
N LEU A 259 -5.33 7.84 18.97
CA LEU A 259 -3.93 7.65 19.33
C LEU A 259 -3.25 9.00 19.45
N PHE A 260 -2.57 9.21 20.58
CA PHE A 260 -1.82 10.46 20.77
C PHE A 260 -0.76 10.62 19.70
N THR A 261 -0.77 11.78 19.05
CA THR A 261 0.11 12.03 17.92
C THR A 261 0.83 13.36 18.13
N HIS A 262 2.13 13.34 17.88
CA HIS A 262 2.97 14.55 17.90
C HIS A 262 3.39 14.85 16.46
N MET A 263 2.98 16.01 15.94
CA MET A 263 3.47 16.50 14.66
C MET A 263 4.61 17.49 14.90
N MET A 264 5.78 17.20 14.31
CA MET A 264 6.91 18.13 14.38
C MET A 264 6.59 19.39 13.57
N PRO A 265 7.14 20.56 13.99
CA PRO A 265 6.62 21.82 13.47
C PRO A 265 7.30 22.42 12.24
N PHE A 266 8.50 21.95 11.90
CA PHE A 266 9.36 22.66 10.99
C PHE A 266 9.57 21.87 9.69
N TYR A 267 10.43 22.41 8.81
CA TYR A 267 10.52 21.95 7.43
C TYR A 267 11.17 20.57 7.30
N SER A 268 12.07 20.23 8.22
CA SER A 268 12.84 18.97 8.14
C SER A 268 13.04 18.37 9.52
N TYR A 269 13.44 17.10 9.55
CA TYR A 269 13.89 16.44 10.78
C TYR A 269 15.39 16.63 11.03
N ASP A 270 16.09 17.33 10.14
CA ASP A 270 17.54 17.50 10.31
C ASP A 270 17.83 18.45 11.46
N ILE A 271 19.10 18.54 11.87
CA ILE A 271 19.41 19.31 13.07
C ILE A 271 19.08 20.81 12.89
N PRO A 272 19.40 21.41 11.73
CA PRO A 272 18.99 22.83 11.54
C PRO A 272 17.49 23.09 11.72
N HIS A 273 16.64 22.09 11.50
CA HIS A 273 15.19 22.31 11.62
C HIS A 273 14.54 21.62 12.80
N THR A 274 15.34 21.29 13.82
CA THR A 274 14.81 20.62 15.00
C THR A 274 15.15 21.27 16.34
N CYS A 275 16.08 22.22 16.38
CA CYS A 275 16.38 22.84 17.69
C CYS A 275 15.41 23.99 18.02
N GLY A 276 14.78 24.55 17.00
CA GLY A 276 14.04 25.80 17.11
C GLY A 276 13.77 26.34 15.72
N PRO A 277 13.10 27.51 15.65
CA PRO A 277 12.65 28.09 14.39
C PRO A 277 13.71 28.66 13.47
N ASP A 278 14.91 28.94 13.96
CA ASP A 278 15.94 29.59 13.13
C ASP A 278 17.04 28.62 12.73
N PRO A 279 17.01 28.13 11.48
CA PRO A 279 18.01 27.13 11.10
C PRO A 279 19.44 27.67 11.05
N LYS A 280 19.61 28.98 10.84
CA LYS A 280 20.95 29.59 10.87
C LYS A 280 21.58 29.41 12.25
N VAL A 281 20.76 29.45 13.31
CA VAL A 281 21.23 29.18 14.66
C VAL A 281 21.34 27.66 14.94
N CYS A 282 20.30 26.89 14.62
CA CYS A 282 20.32 25.45 14.93
C CYS A 282 21.48 24.73 14.23
N CYS A 283 21.83 25.18 13.03
CA CYS A 283 22.91 24.54 12.29
C CYS A 283 24.23 24.60 13.06
N GLN A 284 24.39 25.64 13.89
CA GLN A 284 25.58 25.80 14.73
C GLN A 284 25.67 24.80 15.86
N PHE A 285 24.61 24.00 16.02
CA PHE A 285 24.56 22.98 17.06
C PHE A 285 24.52 21.58 16.46
N ASP A 286 24.89 21.52 15.18
CA ASP A 286 25.18 20.23 14.51
C ASP A 286 26.69 20.13 14.42
N PHE A 287 27.29 19.43 15.37
CA PHE A 287 28.75 19.52 15.51
C PHE A 287 29.52 18.69 14.48
N LYS A 288 28.79 17.99 13.61
CA LYS A 288 29.39 17.32 12.45
C LYS A 288 29.68 18.30 11.30
N ARG A 289 29.26 19.56 11.43
CA ARG A 289 29.42 20.52 10.33
C ARG A 289 30.60 21.54 10.43
N MET A 290 31.68 21.17 11.12
CA MET A 290 32.80 22.14 11.23
C MET A 290 33.88 22.07 10.12
N GLY A 291 33.80 21.03 9.26
CA GLY A 291 34.66 20.94 8.09
C GLY A 291 35.25 19.57 7.76
N SER A 292 35.79 18.89 8.77
CA SER A 292 36.53 17.63 8.58
C SER A 292 35.68 16.46 8.11
N PHE A 293 34.37 16.57 8.32
CA PHE A 293 33.41 15.58 7.87
C PHE A 293 32.84 15.91 6.50
N GLY A 294 33.33 16.98 5.88
CA GLY A 294 32.83 17.37 4.56
C GLY A 294 31.42 17.94 4.55
N LEU A 295 30.98 18.46 5.69
CA LEU A 295 29.68 19.10 5.79
C LEU A 295 29.86 20.53 6.26
N SER A 296 28.89 21.38 5.93
CA SER A 296 28.94 22.78 6.33
C SER A 296 27.51 23.27 6.55
N CYS A 297 27.38 24.51 7.04
CA CYS A 297 26.09 25.16 7.24
C CYS A 297 25.79 26.12 6.07
N PRO A 298 24.70 25.88 5.31
CA PRO A 298 24.40 26.77 4.18
C PRO A 298 24.03 28.18 4.58
N TRP A 299 23.70 28.39 5.86
CA TRP A 299 23.38 29.73 6.36
C TRP A 299 24.65 30.52 6.71
N LYS A 300 25.79 29.87 6.49
CA LYS A 300 27.12 30.53 6.48
C LYS A 300 27.70 30.87 7.86
N VAL A 301 27.10 30.33 8.92
CA VAL A 301 27.71 30.39 10.24
C VAL A 301 27.98 28.96 10.72
N PRO A 302 29.25 28.59 10.94
CA PRO A 302 29.58 27.24 11.32
C PRO A 302 29.37 26.94 12.81
N PRO A 303 29.30 25.64 13.17
CA PRO A 303 29.35 25.35 14.59
C PRO A 303 30.72 25.69 15.14
N ARG A 304 30.79 25.95 16.44
CA ARG A 304 32.05 26.13 17.13
C ARG A 304 32.06 25.24 18.35
N THR A 305 33.21 24.62 18.59
CA THR A 305 33.42 23.77 19.75
C THR A 305 33.03 24.51 21.02
N ILE A 306 32.27 23.85 21.89
CA ILE A 306 31.88 24.45 23.15
C ILE A 306 33.06 24.45 24.11
N SER A 307 33.31 25.61 24.72
CA SER A 307 34.38 25.81 25.70
C SER A 307 33.85 26.57 26.90
N ASP A 308 34.65 26.65 27.96
CA ASP A 308 34.28 27.49 29.10
C ASP A 308 34.07 28.97 28.73
N GLN A 309 34.78 29.48 27.72
CA GLN A 309 34.70 30.92 27.32
C GLN A 309 33.52 31.25 26.42
N ASN A 310 32.93 30.23 25.84
CA ASN A 310 31.80 30.50 24.97
C ASN A 310 30.50 29.83 25.42
N VAL A 311 30.56 28.96 26.45
CA VAL A 311 29.37 28.12 26.79
C VAL A 311 28.20 28.97 27.23
N ALA A 312 28.45 30.06 27.96
CA ALA A 312 27.34 30.90 28.39
C ALA A 312 26.63 31.53 27.22
N ALA A 313 27.38 32.05 26.24
CA ALA A 313 26.82 32.69 25.05
C ALA A 313 26.11 31.65 24.16
N ARG A 314 26.76 30.50 23.96
CA ARG A 314 26.19 29.43 23.12
C ARG A 314 24.90 28.93 23.76
N SER A 315 24.92 28.74 25.07
CA SER A 315 23.72 28.33 25.81
C SER A 315 22.60 29.33 25.72
N ASP A 316 22.90 30.62 25.78
N ASP A 316 22.94 30.62 25.84
CA ASP A 316 21.84 31.62 25.65
CA ASP A 316 22.01 31.73 25.58
C ASP A 316 21.17 31.61 24.26
C ASP A 316 21.22 31.43 24.33
N LEU A 317 21.94 31.32 23.21
CA LEU A 317 21.37 31.17 21.87
C LEU A 317 20.51 29.91 21.75
N LEU A 318 21.02 28.81 22.31
CA LEU A 318 20.34 27.51 22.16
C LEU A 318 19.05 27.45 22.99
N VAL A 319 19.13 27.89 24.24
CA VAL A 319 17.95 27.90 25.11
C VAL A 319 16.85 28.81 24.53
N ASP A 320 17.25 29.92 23.94
CA ASP A 320 16.30 30.81 23.26
C ASP A 320 15.55 30.09 22.13
N GLN A 321 16.28 29.32 21.33
CA GLN A 321 15.63 28.49 20.29
C GLN A 321 14.65 27.48 20.89
N TRP A 322 15.09 26.79 21.95
CA TRP A 322 14.23 25.82 22.63
C TRP A 322 12.96 26.45 23.17
N LYS A 323 13.10 27.60 23.83
CA LYS A 323 11.91 28.27 24.40
C LYS A 323 10.97 28.77 23.32
N LYS A 324 11.51 29.17 22.18
CA LYS A 324 10.64 29.49 21.04
C LYS A 324 9.86 28.26 20.54
N LYS A 325 10.57 27.14 20.34
CA LYS A 325 9.92 25.91 19.93
C LYS A 325 8.85 25.51 20.96
N ALA A 326 9.16 25.66 22.25
CA ALA A 326 8.23 25.25 23.31
C ALA A 326 6.91 26.04 23.25
N GLU A 327 6.95 27.25 22.69
CA GLU A 327 5.73 28.07 22.55
C GLU A 327 4.68 27.42 21.66
N LEU A 328 5.12 26.49 20.80
CA LEU A 328 4.22 25.85 19.85
C LEU A 328 3.46 24.67 20.44
N TYR A 329 3.75 24.31 21.69
CA TYR A 329 3.22 23.11 22.36
C TYR A 329 2.67 23.44 23.74
N ARG A 330 1.90 22.52 24.29
CA ARG A 330 1.11 22.81 25.49
C ARG A 330 1.73 22.42 26.83
N THR A 331 2.72 21.53 26.85
CA THR A 331 3.33 21.13 28.12
C THR A 331 4.70 21.79 28.34
N ASN A 332 5.31 21.56 29.50
CA ASN A 332 6.65 22.02 29.77
C ASN A 332 7.71 20.94 29.47
N VAL A 333 7.38 20.00 28.57
CA VAL A 333 8.31 18.95 28.17
C VAL A 333 8.55 19.11 26.67
N LEU A 334 9.82 19.25 26.26
CA LEU A 334 10.15 19.62 24.89
C LEU A 334 10.97 18.52 24.21
N LEU A 335 10.54 18.15 22.98
CA LEU A 335 11.25 17.15 22.18
C LEU A 335 12.21 17.83 21.20
N ILE A 336 13.50 17.48 21.28
CA ILE A 336 14.52 17.98 20.37
C ILE A 336 15.23 16.78 19.72
N PRO A 337 14.75 16.36 18.54
CA PRO A 337 15.51 15.30 17.82
C PRO A 337 16.93 15.80 17.47
N LEU A 338 17.91 14.89 17.48
CA LEU A 338 19.28 15.26 17.11
C LEU A 338 19.82 14.20 16.14
N GLY A 339 19.64 14.45 14.84
CA GLY A 339 20.07 13.46 13.86
C GLY A 339 19.73 13.87 12.45
N ASP A 340 20.05 12.96 11.51
CA ASP A 340 19.91 13.20 10.07
C ASP A 340 20.19 11.85 9.38
N ASP A 341 20.25 11.87 8.05
CA ASP A 341 20.38 10.63 7.25
C ASP A 341 21.71 9.98 7.56
N PHE A 342 21.65 8.69 7.89
CA PHE A 342 22.83 7.89 8.10
C PHE A 342 23.87 8.56 8.99
N ARG A 343 23.37 9.22 10.05
CA ARG A 343 24.25 9.83 11.04
C ARG A 343 24.76 8.82 12.07
N PHE A 344 25.71 9.31 12.87
CA PHE A 344 26.33 8.53 13.94
C PHE A 344 27.11 7.32 13.42
N LYS A 345 27.84 7.56 12.34
CA LYS A 345 28.68 6.55 11.71
C LYS A 345 30.03 6.54 12.45
N GLN A 346 30.81 7.58 12.22
CA GLN A 346 32.19 7.61 12.71
C GLN A 346 32.27 7.74 14.25
N ASN A 347 33.26 7.10 14.87
CA ASN A 347 33.55 7.31 16.28
C ASN A 347 33.75 8.77 16.65
N THR A 348 34.45 9.49 15.79
CA THR A 348 34.71 10.91 15.97
C THR A 348 33.42 11.73 15.94
N GLU A 349 32.43 11.26 15.18
CA GLU A 349 31.12 11.92 15.16
C GLU A 349 30.34 11.72 16.47
N TRP A 350 30.33 10.49 16.98
CA TRP A 350 29.74 10.24 18.30
C TRP A 350 30.37 11.18 19.32
N ASP A 351 31.69 11.25 19.34
CA ASP A 351 32.38 12.11 20.32
C ASP A 351 32.02 13.58 20.15
N VAL A 352 32.07 14.09 18.93
CA VAL A 352 31.88 15.52 18.70
C VAL A 352 30.45 15.95 19.10
N GLN A 353 29.44 15.13 18.81
CA GLN A 353 28.09 15.50 19.22
C GLN A 353 27.94 15.36 20.74
N ARG A 354 28.34 14.22 21.29
CA ARG A 354 28.12 13.96 22.70
C ARG A 354 28.88 14.94 23.62
N VAL A 355 30.17 15.16 23.38
CA VAL A 355 30.95 15.99 24.29
C VAL A 355 30.45 17.44 24.28
N ASN A 356 30.14 17.96 23.10
CA ASN A 356 29.63 19.32 23.01
C ASN A 356 28.28 19.51 23.69
N TYR A 357 27.36 18.56 23.48
CA TYR A 357 26.07 18.63 24.16
C TYR A 357 26.21 18.42 25.67
N GLU A 358 27.08 17.52 26.09
CA GLU A 358 27.33 17.38 27.54
C GLU A 358 27.77 18.71 28.19
N ARG A 359 28.61 19.47 27.49
CA ARG A 359 29.07 20.76 28.04
C ARG A 359 27.91 21.76 28.12
N LEU A 360 27.07 21.78 27.10
CA LEU A 360 25.89 22.63 27.13
C LEU A 360 24.96 22.24 28.27
N PHE A 361 24.65 20.95 28.42
CA PHE A 361 23.77 20.49 29.50
C PHE A 361 24.33 20.86 30.89
N GLU A 362 25.63 20.67 31.10
CA GLU A 362 26.19 20.96 32.42
C GLU A 362 26.01 22.45 32.75
N HIS A 363 26.27 23.31 31.78
CA HIS A 363 26.11 24.74 31.97
C HIS A 363 24.65 25.12 32.20
N ILE A 364 23.79 24.72 31.27
CA ILE A 364 22.39 25.12 31.29
C ILE A 364 21.72 24.65 32.56
N ASN A 365 21.95 23.40 32.93
CA ASN A 365 21.25 22.80 34.07
C ASN A 365 21.70 23.38 35.42
N SER A 366 22.89 23.99 35.43
CA SER A 366 23.44 24.58 36.66
C SER A 366 23.16 26.07 36.80
N GLN A 367 22.65 26.69 35.74
CA GLN A 367 22.33 28.11 35.72
C GLN A 367 20.84 28.31 35.93
N ALA A 368 20.44 28.59 37.18
CA ALA A 368 19.03 28.71 37.54
C ALA A 368 18.22 29.66 36.67
N HIS A 369 18.85 30.74 36.20
CA HIS A 369 18.15 31.76 35.41
C HIS A 369 17.52 31.21 34.11
N PHE A 370 18.06 30.11 33.60
CA PHE A 370 17.45 29.43 32.43
C PHE A 370 16.15 28.71 32.75
N ASN A 371 16.05 28.17 33.97
CA ASN A 371 14.93 27.34 34.38
C ASN A 371 14.66 26.19 33.41
N VAL A 372 15.75 25.53 33.04
CA VAL A 372 15.73 24.41 32.10
C VAL A 372 16.46 23.22 32.70
N GLN A 373 15.91 22.01 32.48
CA GLN A 373 16.64 20.77 32.74
C GLN A 373 16.71 20.00 31.43
N ALA A 374 17.91 19.90 30.85
CA ALA A 374 18.09 19.27 29.55
C ALA A 374 18.93 18.01 29.64
N GLN A 375 18.59 17.00 28.83
CA GLN A 375 19.31 15.75 28.88
C GLN A 375 19.09 14.99 27.59
N PHE A 376 19.99 14.04 27.32
CA PHE A 376 19.71 13.06 26.27
C PHE A 376 18.55 12.21 26.71
N GLY A 377 17.67 11.85 25.78
CA GLY A 377 16.52 11.03 26.11
C GLY A 377 16.11 10.19 24.92
N THR A 378 15.10 9.36 25.14
CA THR A 378 14.50 8.56 24.08
C THR A 378 13.11 9.10 23.77
N LEU A 379 12.51 8.56 22.72
CA LEU A 379 11.18 8.97 22.33
C LEU A 379 10.13 8.61 23.41
N GLN A 380 10.19 7.38 23.91
CA GLN A 380 9.24 6.98 24.97
C GLN A 380 9.38 7.87 26.22
N GLU A 381 10.61 8.27 26.54
CA GLU A 381 10.83 9.12 27.72
C GLU A 381 10.10 10.46 27.52
N TYR A 382 10.20 11.03 26.31
CA TYR A 382 9.47 12.26 25.99
C TYR A 382 7.96 12.06 26.20
N PHE A 383 7.38 11.04 25.56
CA PHE A 383 5.95 10.86 25.65
C PHE A 383 5.51 10.58 27.11
N ASP A 384 6.29 9.79 27.85
CA ASP A 384 5.94 9.52 29.25
C ASP A 384 5.85 10.82 30.04
N ALA A 385 6.80 11.72 29.81
CA ALA A 385 6.83 12.99 30.52
C ALA A 385 5.68 13.90 30.10
N VAL A 386 5.32 13.89 28.81
CA VAL A 386 4.18 14.67 28.34
C VAL A 386 2.90 14.22 29.03
N HIS A 387 2.69 12.91 29.11
CA HIS A 387 1.46 12.42 29.72
C HIS A 387 1.44 12.61 31.24
N GLN A 388 2.61 12.60 31.87
CA GLN A 388 2.69 12.99 33.29
C GLN A 388 2.22 14.44 33.47
N ALA A 389 2.62 15.34 32.59
CA ALA A 389 2.20 16.74 32.64
C ALA A 389 0.69 16.87 32.42
N GLU A 390 0.18 16.14 31.43
CA GLU A 390 -1.26 16.07 31.15
C GLU A 390 -2.04 15.63 32.38
N ARG A 391 -1.62 14.53 33.01
CA ARG A 391 -2.31 14.01 34.20
C ARG A 391 -2.22 14.95 35.41
N ALA A 392 -1.16 15.75 35.47
CA ALA A 392 -1.00 16.75 36.53
C ALA A 392 -1.88 17.98 36.25
N GLY A 393 -2.60 17.95 35.14
CA GLY A 393 -3.56 19.00 34.81
C GLY A 393 -2.97 20.17 34.06
N GLN A 394 -1.79 19.96 33.50
CA GLN A 394 -1.03 21.02 32.86
C GLN A 394 -1.56 21.38 31.47
N ALA A 395 -2.17 20.40 30.83
CA ALA A 395 -2.58 20.48 29.43
C ALA A 395 -3.75 19.55 29.12
N GLU A 396 -4.61 19.99 28.20
CA GLU A 396 -5.60 19.13 27.59
C GLU A 396 -5.28 19.16 26.10
N PHE A 397 -5.49 18.03 25.44
CA PHE A 397 -5.14 17.92 24.03
C PHE A 397 -6.37 17.88 23.13
N PRO A 398 -6.29 18.52 21.96
CA PRO A 398 -7.40 18.50 21.02
C PRO A 398 -7.57 17.16 20.31
N THR A 399 -8.76 16.92 19.82
CA THR A 399 -9.05 15.74 19.02
C THR A 399 -8.98 16.11 17.52
N LEU A 400 -8.59 15.14 16.69
CA LEU A 400 -8.41 15.40 15.28
C LEU A 400 -8.81 14.16 14.49
N SER A 401 -9.46 14.39 13.34
CA SER A 401 -9.59 13.33 12.33
C SER A 401 -9.24 13.87 10.95
N GLY A 402 -8.94 12.95 10.04
CA GLY A 402 -8.57 13.32 8.67
C GLY A 402 -7.20 12.76 8.30
N ASP A 403 -6.69 13.20 7.16
CA ASP A 403 -5.37 12.76 6.71
C ASP A 403 -4.49 13.97 6.45
N PHE A 404 -3.26 13.69 6.00
CA PHE A 404 -2.25 14.71 5.71
C PHE A 404 -1.68 14.51 4.31
N PHE A 405 -2.58 14.36 3.34
CA PHE A 405 -2.26 14.41 1.91
C PHE A 405 -3.04 15.55 1.28
N THR A 406 -2.54 16.18 0.21
CA THR A 406 -1.24 15.94 -0.42
C THR A 406 -0.18 16.89 0.12
N TYR A 407 0.94 16.32 0.51
CA TYR A 407 2.06 17.07 1.10
C TYR A 407 2.68 18.06 0.11
N ALA A 408 3.02 19.24 0.62
CA ALA A 408 3.95 20.15 -0.06
C ALA A 408 4.96 20.63 0.98
N ASP A 409 6.25 20.58 0.63
CA ASP A 409 7.31 21.05 1.55
C ASP A 409 7.63 22.54 1.36
N ARG A 410 7.27 23.11 0.19
CA ARG A 410 7.50 24.53 -0.10
C ARG A 410 6.72 24.93 -1.34
N SER A 411 6.39 26.23 -1.40
CA SER A 411 5.73 26.87 -2.55
CA SER A 411 5.82 26.80 -2.62
C SER A 411 4.64 25.98 -3.15
N ASP A 412 4.71 25.70 -4.46
CA ASP A 412 3.68 24.89 -5.13
C ASP A 412 4.19 23.46 -5.38
N ASN A 413 5.24 23.07 -4.65
CA ASN A 413 5.88 21.76 -4.87
C ASN A 413 5.10 20.69 -4.07
N TYR A 414 4.01 20.22 -4.67
CA TYR A 414 3.15 19.16 -4.11
C TYR A 414 3.65 17.80 -4.57
N TRP A 415 3.73 16.87 -3.63
CA TRP A 415 4.34 15.57 -3.87
C TRP A 415 3.30 14.56 -4.33
N SER A 416 2.63 14.84 -5.43
CA SER A 416 1.66 13.90 -5.96
C SER A 416 2.23 13.03 -7.08
N GLY A 417 3.47 13.29 -7.50
CA GLY A 417 4.07 12.48 -8.57
C GLY A 417 4.31 11.03 -8.14
N TYR A 418 4.74 10.84 -6.89
CA TYR A 418 5.11 9.50 -6.43
C TYR A 418 3.88 8.61 -6.21
N TYR A 419 2.67 9.16 -6.35
CA TYR A 419 1.48 8.32 -6.35
C TYR A 419 1.45 7.43 -7.60
N THR A 420 2.29 7.75 -8.60
CA THR A 420 2.33 7.03 -9.88
C THR A 420 3.71 6.49 -10.27
N SER A 421 4.78 7.14 -9.81
CA SER A 421 6.11 6.80 -10.28
C SER A 421 6.42 5.31 -10.18
N ARG A 422 7.06 4.78 -11.23
CA ARG A 422 7.41 3.33 -11.30
C ARG A 422 6.16 2.43 -11.08
N PRO A 423 5.17 2.61 -11.97
CA PRO A 423 3.92 1.89 -11.76
C PRO A 423 4.01 0.38 -11.96
N TYR A 424 5.02 -0.10 -12.68
CA TYR A 424 5.18 -1.55 -12.80
C TYR A 424 5.34 -2.16 -11.41
N HIS A 425 6.15 -1.54 -10.56
CA HIS A 425 6.45 -2.12 -9.24
C HIS A 425 5.30 -1.88 -8.26
N LYS A 426 4.56 -0.79 -8.48
CA LYS A 426 3.32 -0.54 -7.72
C LYS A 426 2.31 -1.67 -7.98
N ARG A 427 2.17 -2.09 -9.24
CA ARG A 427 1.31 -3.21 -9.54
C ARG A 427 1.87 -4.52 -8.95
N MET A 428 3.19 -4.73 -9.08
CA MET A 428 3.83 -5.94 -8.53
C MET A 428 3.56 -6.07 -7.02
N ASP A 429 3.57 -4.94 -6.31
CA ASP A 429 3.26 -4.92 -4.87
C ASP A 429 1.94 -5.62 -4.58
N ARG A 430 0.92 -5.30 -5.36
CA ARG A 430 -0.42 -5.85 -5.10
C ARG A 430 -0.49 -7.34 -5.45
N VAL A 431 0.23 -7.74 -6.51
CA VAL A 431 0.28 -9.17 -6.86
C VAL A 431 0.98 -9.94 -5.72
N LEU A 432 2.14 -9.46 -5.28
CA LEU A 432 2.85 -10.16 -4.22
C LEU A 432 2.06 -10.12 -2.90
N MET A 433 1.35 -9.02 -2.63
CA MET A 433 0.47 -8.95 -1.45
C MET A 433 -0.43 -10.18 -1.39
N HIS A 434 -1.08 -10.44 -2.52
CA HIS A 434 -2.02 -11.54 -2.60
C HIS A 434 -1.33 -12.91 -2.52
N TYR A 435 -0.19 -13.06 -3.20
CA TYR A 435 0.52 -14.34 -3.19
C TYR A 435 1.05 -14.66 -1.78
N VAL A 436 1.46 -13.65 -1.02
CA VAL A 436 1.87 -13.89 0.37
C VAL A 436 0.65 -14.39 1.19
N ARG A 437 -0.47 -13.69 1.06
CA ARG A 437 -1.67 -14.15 1.77
C ARG A 437 -2.03 -15.58 1.40
N ALA A 438 -2.08 -15.86 0.11
CA ALA A 438 -2.49 -17.18 -0.34
C ALA A 438 -1.51 -18.28 0.11
N ALA A 439 -0.20 -18.00 0.07
CA ALA A 439 0.80 -18.97 0.49
C ALA A 439 0.71 -19.24 1.99
N GLU A 440 0.56 -18.17 2.78
CA GLU A 440 0.45 -18.35 4.22
C GLU A 440 -0.84 -19.10 4.57
N MET A 441 -1.94 -18.78 3.89
CA MET A 441 -3.21 -19.45 4.19
C MET A 441 -3.19 -20.92 3.76
N LEU A 442 -2.79 -21.19 2.53
CA LEU A 442 -2.80 -22.59 2.05
C LEU A 442 -1.92 -23.51 2.88
N SER A 443 -0.78 -23.01 3.32
CA SER A 443 0.15 -23.84 4.08
C SER A 443 -0.20 -23.90 5.57
N ALA A 444 -1.06 -23.00 6.05
CA ALA A 444 -1.44 -22.96 7.46
C ALA A 444 -2.24 -24.18 7.90
N TRP A 445 -2.94 -24.82 6.97
CA TRP A 445 -3.84 -25.94 7.28
C TRP A 445 -3.12 -27.14 7.89
N HIS A 446 -1.84 -27.32 7.55
CA HIS A 446 -1.06 -28.42 8.08
C HIS A 446 0.16 -27.90 8.83
N SER A 447 0.70 -28.77 9.66
CA SER A 447 2.05 -28.62 10.15
C SER A 447 3.02 -29.28 9.15
N TRP A 448 4.16 -28.65 8.90
CA TRP A 448 5.11 -29.17 7.91
C TRP A 448 6.43 -29.54 8.54
N ASP A 449 6.99 -30.65 8.08
CA ASP A 449 8.32 -31.01 8.49
C ASP A 449 9.32 -29.95 8.05
N GLY A 450 10.38 -29.75 8.84
CA GLY A 450 11.39 -28.75 8.50
C GLY A 450 12.03 -28.93 7.14
N MET A 451 12.10 -30.17 6.67
CA MET A 451 12.68 -30.46 5.37
C MET A 451 11.90 -29.87 4.20
N ALA A 452 10.63 -29.53 4.46
CA ALA A 452 9.78 -28.94 3.42
C ALA A 452 10.11 -27.48 3.15
N ARG A 453 10.86 -26.85 4.06
CA ARG A 453 11.33 -25.46 3.91
C ARG A 453 10.16 -24.49 3.73
N ILE A 454 9.01 -24.79 4.33
CA ILE A 454 7.85 -23.90 4.22
C ILE A 454 8.09 -22.59 4.98
N GLU A 455 8.48 -22.68 6.26
CA GLU A 455 8.71 -21.49 7.08
C GLU A 455 9.82 -20.65 6.44
N GLU A 456 10.86 -21.29 5.92
CA GLU A 456 11.96 -20.58 5.25
C GLU A 456 11.45 -19.73 4.10
N ARG A 457 10.71 -20.35 3.19
CA ARG A 457 10.23 -19.66 2.01
C ARG A 457 9.23 -18.55 2.35
N LEU A 458 8.38 -18.79 3.34
CA LEU A 458 7.40 -17.77 3.76
C LEU A 458 8.09 -16.58 4.40
N GLU A 459 9.11 -16.83 5.22
CA GLU A 459 9.86 -15.73 5.84
C GLU A 459 10.54 -14.86 4.76
N GLN A 460 11.15 -15.51 3.77
CA GLN A 460 11.75 -14.78 2.65
C GLN A 460 10.71 -13.89 1.96
N ALA A 461 9.55 -14.48 1.63
CA ALA A 461 8.51 -13.74 0.91
C ALA A 461 8.01 -12.56 1.74
N ARG A 462 7.72 -12.80 3.03
CA ARG A 462 7.25 -11.72 3.89
C ARG A 462 8.27 -10.59 3.97
N ARG A 463 9.54 -10.95 4.07
CA ARG A 463 10.59 -9.94 4.25
C ARG A 463 10.82 -9.11 3.00
N GLU A 464 10.78 -9.74 1.82
CA GLU A 464 10.99 -8.95 0.62
C GLU A 464 9.81 -8.01 0.35
N LEU A 465 8.59 -8.50 0.58
CA LEU A 465 7.41 -7.63 0.40
C LEU A 465 7.45 -6.50 1.44
N SER A 466 7.81 -6.85 2.67
CA SER A 466 7.92 -5.86 3.74
C SER A 466 8.96 -4.78 3.40
N LEU A 467 10.10 -5.20 2.86
CA LEU A 467 11.16 -4.27 2.50
C LEU A 467 10.60 -3.23 1.49
N PHE A 468 9.82 -3.70 0.53
CA PHE A 468 9.33 -2.83 -0.53
C PHE A 468 8.34 -1.79 -0.03
N GLN A 469 7.79 -1.98 1.18
CA GLN A 469 6.90 -0.95 1.75
C GLN A 469 7.63 0.33 2.13
N HIS A 470 8.97 0.29 2.16
CA HIS A 470 9.78 1.46 2.44
C HIS A 470 9.36 2.67 1.63
N HIS A 471 9.56 3.85 2.21
CA HIS A 471 9.16 5.10 1.55
C HIS A 471 10.02 5.50 0.34
N ASP A 472 11.00 4.65 -0.07
CA ASP A 472 11.63 4.78 -1.39
C ASP A 472 11.44 3.54 -2.26
N GLY A 473 10.59 2.60 -1.80
CA GLY A 473 10.34 1.35 -2.52
C GLY A 473 9.11 1.54 -3.36
N ILE A 474 7.95 1.20 -2.77
CA ILE A 474 6.68 1.31 -3.48
C ILE A 474 6.43 2.70 -4.08
N THR A 475 7.00 3.74 -3.47
CA THR A 475 6.86 5.11 -3.92
C THR A 475 7.47 5.36 -5.31
N GLY A 476 8.37 4.48 -5.78
CA GLY A 476 9.04 4.74 -7.05
C GLY A 476 10.01 5.91 -7.01
N THR A 477 10.66 6.11 -5.86
CA THR A 477 11.57 7.22 -5.67
C THR A 477 13.02 6.79 -5.44
N ALA A 478 13.38 5.57 -5.86
CA ALA A 478 14.77 5.10 -5.75
C ALA A 478 15.53 5.19 -7.07
N LYS A 479 16.86 5.12 -6.99
CA LYS A 479 17.64 5.10 -8.23
C LYS A 479 17.34 3.83 -9.02
N THR A 480 17.60 3.87 -10.33
CA THR A 480 17.28 2.76 -11.22
C THR A 480 17.80 1.40 -10.73
N HIS A 481 19.06 1.35 -10.30
CA HIS A 481 19.63 0.05 -9.90
C HIS A 481 19.02 -0.45 -8.59
N VAL A 482 18.48 0.47 -7.80
CA VAL A 482 17.82 0.12 -6.55
C VAL A 482 16.41 -0.45 -6.84
N VAL A 483 15.69 0.19 -7.77
CA VAL A 483 14.43 -0.36 -8.25
C VAL A 483 14.64 -1.78 -8.75
N VAL A 484 15.71 -1.99 -9.51
CA VAL A 484 16.02 -3.36 -10.01
C VAL A 484 16.23 -4.35 -8.86
N ASP A 485 16.93 -3.92 -7.82
CA ASP A 485 17.12 -4.77 -6.64
C ASP A 485 15.77 -5.13 -5.98
N TYR A 486 14.90 -4.14 -5.78
CA TYR A 486 13.58 -4.44 -5.19
C TYR A 486 12.81 -5.40 -6.07
N GLU A 487 12.88 -5.21 -7.39
CA GLU A 487 12.17 -6.11 -8.32
C GLU A 487 12.68 -7.54 -8.21
N GLN A 488 14.00 -7.69 -8.19
CA GLN A 488 14.61 -9.03 -8.08
C GLN A 488 14.20 -9.70 -6.79
N ARG A 489 14.23 -8.95 -5.70
CA ARG A 489 13.78 -9.45 -4.41
C ARG A 489 12.31 -9.91 -4.47
N MET A 490 11.46 -9.08 -5.08
CA MET A 490 10.05 -9.44 -5.19
C MET A 490 9.84 -10.67 -6.10
N GLN A 491 10.66 -10.81 -7.14
N GLN A 491 10.67 -10.80 -7.14
CA GLN A 491 10.52 -12.00 -7.99
CA GLN A 491 10.62 -11.97 -8.05
C GLN A 491 10.84 -13.26 -7.22
C GLN A 491 10.91 -13.25 -7.31
N GLU A 492 11.91 -13.19 -6.43
CA GLU A 492 12.27 -14.32 -5.60
C GLU A 492 11.16 -14.63 -4.61
N ALA A 493 10.55 -13.58 -4.06
CA ALA A 493 9.41 -13.76 -3.15
C ALA A 493 8.22 -14.45 -3.86
N LEU A 494 7.91 -14.04 -5.09
CA LEU A 494 6.81 -14.66 -5.83
C LEU A 494 7.08 -16.15 -6.05
N LYS A 495 8.32 -16.48 -6.40
CA LYS A 495 8.69 -17.87 -6.60
C LYS A 495 8.56 -18.68 -5.32
N ALA A 496 8.96 -18.10 -4.20
CA ALA A 496 8.83 -18.73 -2.90
C ALA A 496 7.34 -19.02 -2.59
N CYS A 497 6.47 -18.02 -2.83
CA CYS A 497 5.03 -18.20 -2.62
C CYS A 497 4.48 -19.31 -3.52
N GLN A 498 4.87 -19.33 -4.78
CA GLN A 498 4.40 -20.36 -5.70
CA GLN A 498 4.40 -20.35 -5.70
C GLN A 498 4.78 -21.74 -5.18
N MET A 499 6.01 -21.88 -4.72
CA MET A 499 6.47 -23.18 -4.23
C MET A 499 5.60 -23.66 -3.06
N VAL A 500 5.39 -22.77 -2.10
CA VAL A 500 4.62 -23.12 -0.91
C VAL A 500 3.16 -23.42 -1.30
N MET A 501 2.58 -22.57 -2.15
CA MET A 501 1.18 -22.75 -2.58
C MET A 501 1.01 -24.12 -3.24
N GLN A 502 1.90 -24.46 -4.19
CA GLN A 502 1.69 -25.70 -4.95
C GLN A 502 1.95 -26.96 -4.11
N GLN A 503 2.92 -26.92 -3.21
CA GLN A 503 3.09 -28.03 -2.25
C GLN A 503 1.83 -28.21 -1.41
N SER A 504 1.26 -27.09 -0.98
CA SER A 504 0.06 -27.14 -0.13
C SER A 504 -1.14 -27.73 -0.87
N VAL A 505 -1.36 -27.31 -2.12
CA VAL A 505 -2.47 -27.83 -2.90
C VAL A 505 -2.31 -29.35 -3.08
N TYR A 506 -1.10 -29.81 -3.40
CA TYR A 506 -0.87 -31.24 -3.60
C TYR A 506 -1.23 -32.01 -2.29
N ARG A 507 -0.83 -31.48 -1.14
CA ARG A 507 -1.17 -32.13 0.12
C ARG A 507 -2.66 -32.08 0.45
N LEU A 508 -3.31 -30.96 0.18
CA LEU A 508 -4.72 -30.79 0.52
C LEU A 508 -5.67 -31.62 -0.33
N LEU A 509 -5.24 -32.02 -1.53
CA LEU A 509 -6.12 -32.65 -2.50
C LEU A 509 -5.66 -34.04 -2.92
N THR A 510 -4.76 -34.67 -2.16
CA THR A 510 -4.34 -36.04 -2.48
C THR A 510 -4.72 -36.97 -1.31
N LYS A 511 -5.27 -38.13 -1.65
CA LYS A 511 -5.63 -39.13 -0.64
C LYS A 511 -4.44 -39.31 0.29
N PRO A 512 -4.66 -39.19 1.60
CA PRO A 512 -3.53 -39.21 2.52
C PRO A 512 -2.60 -40.43 2.45
N SER A 513 -3.14 -41.62 2.23
CA SER A 513 -2.27 -42.82 2.19
C SER A 513 -1.52 -42.99 0.86
N ILE A 514 -1.76 -42.08 -0.08
CA ILE A 514 -1.08 -42.01 -1.38
C ILE A 514 -0.05 -40.87 -1.41
N TYR A 515 -0.34 -39.79 -0.69
CA TYR A 515 0.51 -38.59 -0.70
C TYR A 515 1.98 -38.91 -0.46
N SER A 516 2.85 -38.54 -1.41
CA SER A 516 4.26 -38.91 -1.34
C SER A 516 5.12 -37.75 -1.83
N PRO A 517 5.27 -36.71 -0.99
CA PRO A 517 5.86 -35.48 -1.51
C PRO A 517 7.37 -35.50 -1.66
N ASP A 518 7.83 -34.91 -2.75
CA ASP A 518 9.21 -34.47 -2.91
C ASP A 518 9.11 -32.95 -2.75
N PHE A 519 9.71 -32.44 -1.68
CA PHE A 519 9.54 -31.01 -1.33
C PHE A 519 10.24 -30.04 -2.28
N SER A 520 11.01 -30.57 -3.22
CA SER A 520 11.70 -29.77 -4.25
C SER A 520 10.95 -29.80 -5.58
N PHE A 521 9.93 -30.66 -5.70
CA PHE A 521 9.26 -30.91 -6.97
C PHE A 521 8.09 -29.92 -7.19
N SER A 522 7.86 -29.59 -8.46
CA SER A 522 6.71 -28.77 -8.83
C SER A 522 5.55 -29.66 -9.29
N TYR A 523 4.63 -29.92 -8.37
CA TYR A 523 3.38 -30.66 -8.66
C TYR A 523 2.40 -29.86 -9.48
N PHE A 524 2.39 -28.54 -9.28
CA PHE A 524 1.56 -27.63 -10.05
C PHE A 524 2.38 -26.42 -10.44
N THR A 525 2.02 -25.84 -11.56
CA THR A 525 2.49 -24.49 -11.87
C THR A 525 1.34 -23.50 -11.75
N LEU A 526 1.62 -22.32 -11.22
CA LEU A 526 0.61 -21.28 -11.16
C LEU A 526 0.39 -20.72 -12.55
N ASP A 527 -0.86 -20.35 -12.82
CA ASP A 527 -1.22 -19.68 -14.06
C ASP A 527 -1.83 -18.35 -13.63
N ASP A 528 -1.23 -17.25 -14.03
CA ASP A 528 -1.76 -15.95 -13.66
C ASP A 528 -1.98 -15.18 -14.95
N SER A 529 -3.24 -14.83 -15.23
CA SER A 529 -3.62 -14.12 -16.46
C SER A 529 -3.27 -12.65 -16.45
N ARG A 530 -2.98 -12.07 -15.28
CA ARG A 530 -2.83 -10.63 -15.18
C ARG A 530 -1.51 -10.18 -14.60
N TRP A 531 -0.59 -11.09 -14.41
CA TRP A 531 0.75 -10.71 -13.97
C TRP A 531 1.78 -11.71 -14.51
N PRO A 532 2.85 -11.23 -15.19
CA PRO A 532 3.07 -9.83 -15.59
C PRO A 532 2.06 -9.30 -16.61
N GLY A 533 1.36 -10.22 -17.28
CA GLY A 533 0.29 -9.83 -18.17
C GLY A 533 0.62 -9.98 -19.63
N SER A 534 -0.44 -10.16 -20.43
CA SER A 534 -0.31 -10.25 -21.87
C SER A 534 0.32 -8.98 -22.39
N GLY A 535 1.36 -9.15 -23.21
CA GLY A 535 2.11 -8.02 -23.75
C GLY A 535 3.20 -7.48 -22.85
N VAL A 536 3.32 -8.04 -21.65
CA VAL A 536 4.37 -7.67 -20.71
C VAL A 536 5.41 -8.79 -20.66
N GLU A 537 4.97 -10.02 -20.40
CA GLU A 537 5.85 -11.18 -20.41
C GLU A 537 5.08 -12.37 -20.97
N ASP A 538 5.71 -13.16 -21.83
CA ASP A 538 5.09 -14.43 -22.24
C ASP A 538 5.57 -15.47 -21.24
N SER A 539 4.82 -15.61 -20.15
CA SER A 539 5.24 -16.38 -18.98
C SER A 539 4.38 -17.61 -18.72
N ARG A 540 3.17 -17.61 -19.29
CA ARG A 540 2.18 -18.65 -19.02
C ARG A 540 2.45 -19.90 -19.82
N THR A 541 2.17 -21.02 -19.20
CA THR A 541 2.33 -22.30 -19.86
C THR A 541 1.04 -22.66 -20.60
N THR A 542 1.21 -23.23 -21.78
CA THR A 542 0.11 -23.80 -22.53
C THR A 542 -0.13 -25.21 -22.03
N ILE A 543 -1.39 -25.55 -21.80
CA ILE A 543 -1.77 -26.93 -21.50
C ILE A 543 -1.76 -27.67 -22.85
N ILE A 544 -0.83 -28.61 -22.97
CA ILE A 544 -0.62 -29.30 -24.24
C ILE A 544 -1.33 -30.65 -24.20
N LEU A 545 -2.37 -30.75 -25.04
CA LEU A 545 -3.19 -31.96 -25.13
C LEU A 545 -3.12 -32.51 -26.55
N GLY A 546 -3.37 -33.80 -26.71
CA GLY A 546 -3.34 -34.39 -28.05
C GLY A 546 -3.55 -35.88 -27.91
N GLU A 547 -4.18 -36.47 -28.90
CA GLU A 547 -4.48 -37.90 -28.84
C GLU A 547 -3.21 -38.76 -28.73
N ASP A 548 -2.14 -38.25 -29.33
CA ASP A 548 -0.87 -38.97 -29.35
C ASP A 548 0.08 -38.58 -28.21
N ILE A 549 -0.42 -37.82 -27.23
CA ILE A 549 0.42 -37.38 -26.10
C ILE A 549 -0.29 -37.38 -24.73
N LEU A 550 -1.46 -36.76 -24.65
CA LEU A 550 -2.11 -36.54 -23.34
C LEU A 550 -3.54 -36.09 -23.56
N PRO A 551 -4.51 -36.94 -23.20
CA PRO A 551 -5.90 -36.57 -23.43
C PRO A 551 -6.50 -35.49 -22.53
N SER A 552 -5.99 -35.33 -21.31
CA SER A 552 -6.65 -34.46 -20.35
C SER A 552 -5.68 -33.92 -19.31
N LYS A 553 -6.13 -32.89 -18.60
CA LYS A 553 -5.33 -32.19 -17.60
C LYS A 553 -6.21 -31.71 -16.45
N HIS A 554 -5.76 -31.99 -15.24
CA HIS A 554 -6.37 -31.41 -14.04
C HIS A 554 -5.84 -30.01 -13.77
N VAL A 555 -6.79 -29.14 -13.41
CA VAL A 555 -6.48 -27.79 -12.91
C VAL A 555 -7.20 -27.60 -11.58
N VAL A 556 -6.65 -26.74 -10.73
CA VAL A 556 -7.22 -26.50 -9.41
C VAL A 556 -7.30 -24.99 -9.17
N MET A 557 -8.43 -24.53 -8.65
CA MET A 557 -8.60 -23.13 -8.21
C MET A 557 -8.63 -23.03 -6.71
N HIS A 558 -7.95 -22.00 -6.19
CA HIS A 558 -8.02 -21.63 -4.77
C HIS A 558 -8.77 -20.31 -4.59
N ASN A 559 -9.57 -20.25 -3.52
CA ASN A 559 -10.31 -19.05 -3.17
C ASN A 559 -9.91 -18.61 -1.75
N THR A 560 -9.06 -17.57 -1.64
CA THR A 560 -8.61 -17.15 -0.32
C THR A 560 -9.70 -16.46 0.51
N LEU A 561 -10.80 -16.03 -0.12
CA LEU A 561 -11.85 -15.32 0.62
C LEU A 561 -12.77 -16.29 1.37
N PRO A 562 -13.28 -15.86 2.54
CA PRO A 562 -14.12 -16.76 3.35
C PRO A 562 -15.60 -16.79 2.96
N HIS A 563 -15.89 -16.82 1.65
CA HIS A 563 -17.24 -17.08 1.19
C HIS A 563 -17.15 -17.86 -0.11
N TRP A 564 -18.17 -18.66 -0.42
CA TRP A 564 -18.24 -19.32 -1.72
C TRP A 564 -18.09 -18.27 -2.83
N ARG A 565 -17.31 -18.59 -3.87
CA ARG A 565 -17.10 -17.62 -4.92
C ARG A 565 -17.09 -18.28 -6.27
N GLU A 566 -17.79 -17.65 -7.20
CA GLU A 566 -17.69 -17.99 -8.62
C GLU A 566 -16.91 -16.90 -9.34
N GLN A 567 -16.09 -17.30 -10.30
CA GLN A 567 -15.29 -16.37 -11.09
C GLN A 567 -14.94 -17.10 -12.36
N LEU A 568 -14.99 -16.38 -13.48
CA LEU A 568 -14.45 -16.95 -14.73
C LEU A 568 -12.96 -17.09 -14.61
N VAL A 569 -12.45 -18.21 -15.09
CA VAL A 569 -11.01 -18.46 -15.15
C VAL A 569 -10.65 -18.87 -16.58
N ASP A 570 -9.43 -18.55 -16.99
CA ASP A 570 -8.98 -18.94 -18.32
CA ASP A 570 -8.98 -18.93 -18.32
C ASP A 570 -7.62 -19.62 -18.30
N PHE A 571 -7.41 -20.51 -19.27
CA PHE A 571 -6.13 -21.21 -19.42
C PHE A 571 -5.80 -21.20 -20.90
N TYR A 572 -4.52 -21.24 -21.22
CA TYR A 572 -4.10 -21.49 -22.59
C TYR A 572 -4.06 -22.99 -22.82
N VAL A 573 -4.59 -23.40 -23.98
CA VAL A 573 -4.62 -24.81 -24.40
C VAL A 573 -4.17 -24.93 -25.86
N SER A 574 -3.65 -26.10 -26.23
CA SER A 574 -3.04 -26.29 -27.55
C SER A 574 -4.06 -26.67 -28.64
N SER A 575 -5.34 -26.79 -28.28
CA SER A 575 -6.42 -27.11 -29.22
C SER A 575 -7.66 -26.31 -28.87
N PRO A 576 -8.48 -25.93 -29.86
CA PRO A 576 -9.76 -25.30 -29.53
C PRO A 576 -10.83 -26.31 -29.10
N PHE A 577 -10.58 -27.60 -29.32
CA PHE A 577 -11.59 -28.61 -29.07
C PHE A 577 -11.38 -29.21 -27.69
N VAL A 578 -11.72 -28.40 -26.68
CA VAL A 578 -11.49 -28.77 -25.28
C VAL A 578 -12.78 -28.56 -24.52
N SER A 579 -13.10 -29.51 -23.65
CA SER A 579 -14.24 -29.35 -22.77
C SER A 579 -13.83 -29.53 -21.31
N VAL A 580 -14.69 -29.00 -20.45
CA VAL A 580 -14.40 -28.90 -19.04
C VAL A 580 -15.42 -29.75 -18.26
N THR A 581 -14.93 -30.45 -17.25
CA THR A 581 -15.76 -31.19 -16.29
C THR A 581 -15.28 -30.87 -14.88
N ASP A 582 -16.18 -31.01 -13.91
CA ASP A 582 -15.75 -31.00 -12.51
C ASP A 582 -15.27 -32.40 -12.14
N LEU A 583 -14.83 -32.64 -10.90
CA LEU A 583 -14.29 -33.98 -10.66
C LEU A 583 -15.39 -35.05 -10.58
N ALA A 584 -16.66 -34.64 -10.36
CA ALA A 584 -17.78 -35.59 -10.46
C ALA A 584 -18.17 -35.82 -11.93
N ASN A 585 -17.34 -35.35 -12.85
CA ASN A 585 -17.56 -35.51 -14.29
C ASN A 585 -18.79 -34.79 -14.84
N ASN A 586 -19.30 -33.81 -14.10
CA ASN A 586 -20.39 -32.96 -14.59
C ASN A 586 -19.81 -32.00 -15.63
N PRO A 587 -20.44 -31.90 -16.83
CA PRO A 587 -19.96 -30.90 -17.78
C PRO A 587 -20.07 -29.48 -17.23
N VAL A 588 -19.11 -28.63 -17.60
CA VAL A 588 -19.10 -27.23 -17.22
C VAL A 588 -19.07 -26.43 -18.52
N GLU A 589 -19.97 -25.47 -18.66
CA GLU A 589 -20.03 -24.65 -19.87
C GLU A 589 -18.73 -23.88 -20.04
N ALA A 590 -18.19 -23.86 -21.26
CA ALA A 590 -16.94 -23.18 -21.51
C ALA A 590 -17.02 -22.37 -22.80
N GLN A 591 -16.12 -21.41 -22.93
CA GLN A 591 -15.96 -20.59 -24.13
C GLN A 591 -14.49 -20.63 -24.55
N VAL A 592 -14.26 -20.84 -25.85
CA VAL A 592 -12.91 -20.72 -26.38
C VAL A 592 -12.82 -19.44 -27.22
N SER A 593 -11.73 -18.71 -27.01
CA SER A 593 -11.41 -17.46 -27.72
C SER A 593 -9.97 -17.57 -28.23
N PRO A 594 -9.62 -16.76 -29.23
CA PRO A 594 -8.22 -16.81 -29.66
C PRO A 594 -7.24 -16.21 -28.65
N VAL A 595 -5.94 -16.43 -28.86
CA VAL A 595 -4.92 -15.69 -28.12
C VAL A 595 -4.46 -14.54 -29.00
N TRP A 596 -4.79 -13.32 -28.60
CA TRP A 596 -4.48 -12.12 -29.34
C TRP A 596 -3.33 -11.38 -28.69
N SER A 597 -2.35 -11.00 -29.51
CA SER A 597 -1.23 -10.18 -29.05
C SER A 597 -1.12 -8.95 -29.93
N TRP A 598 -0.85 -7.82 -29.31
CA TRP A 598 -0.80 -6.55 -30.02
C TRP A 598 0.64 -6.22 -30.41
N HIS A 599 0.78 -5.77 -31.65
N HIS A 599 0.78 -5.78 -31.65
CA HIS A 599 2.09 -5.56 -32.23
CA HIS A 599 2.06 -5.61 -32.33
C HIS A 599 2.24 -4.16 -32.73
C HIS A 599 2.22 -4.15 -32.72
N HIS A 600 3.34 -3.54 -32.36
CA HIS A 600 3.67 -2.25 -32.92
CA HIS A 600 3.65 -2.25 -32.97
C HIS A 600 4.44 -2.52 -34.22
N ASP A 601 3.74 -2.41 -35.33
CA ASP A 601 4.26 -2.78 -36.62
C ASP A 601 5.15 -1.63 -37.12
N THR A 602 6.47 -1.83 -37.03
CA THR A 602 7.42 -0.78 -37.44
C THR A 602 7.53 -0.61 -38.95
N LEU A 603 6.88 -1.49 -39.71
CA LEU A 603 6.79 -1.36 -41.16
C LEU A 603 5.56 -0.55 -41.56
N THR A 604 4.38 -0.99 -41.12
CA THR A 604 3.15 -0.30 -41.47
C THR A 604 2.83 0.91 -40.59
N LYS A 605 3.54 1.03 -39.46
CA LYS A 605 3.35 2.15 -38.52
C LYS A 605 1.95 2.13 -37.93
N THR A 606 1.48 0.92 -37.64
CA THR A 606 0.17 0.75 -36.97
C THR A 606 0.35 -0.19 -35.81
N ILE A 607 -0.59 -0.12 -34.87
CA ILE A 607 -0.62 -1.02 -33.74
C ILE A 607 -1.83 -1.95 -33.93
N HIS A 608 -1.59 -3.26 -34.08
CA HIS A 608 -2.65 -4.16 -34.48
C HIS A 608 -2.45 -5.54 -33.88
N PRO A 609 -3.55 -6.31 -33.74
CA PRO A 609 -3.47 -7.60 -33.10
C PRO A 609 -3.18 -8.76 -34.04
N GLN A 610 -2.42 -9.72 -33.54
CA GLN A 610 -2.12 -10.94 -34.27
C GLN A 610 -2.66 -12.09 -33.44
N GLY A 611 -3.26 -13.07 -34.09
CA GLY A 611 -3.82 -14.25 -33.40
C GLY A 611 -2.92 -15.46 -33.51
N SER A 612 -2.85 -16.25 -32.46
CA SER A 612 -2.09 -17.52 -32.49
C SER A 612 -2.83 -18.54 -33.34
N THR A 613 -2.11 -19.38 -34.09
CA THR A 613 -2.77 -20.45 -34.84
C THR A 613 -2.60 -21.82 -34.17
N THR A 614 -2.04 -21.83 -32.95
CA THR A 614 -1.79 -23.08 -32.23
C THR A 614 -2.08 -23.04 -30.70
N LYS A 615 -2.25 -21.85 -30.12
CA LYS A 615 -2.67 -21.68 -28.71
C LYS A 615 -4.04 -21.01 -28.72
N TYR A 616 -4.89 -21.37 -27.75
CA TYR A 616 -6.22 -20.81 -27.62
C TYR A 616 -6.50 -20.61 -26.15
N ARG A 617 -7.47 -19.76 -25.85
CA ARG A 617 -7.91 -19.51 -24.46
C ARG A 617 -9.20 -20.27 -24.21
N ILE A 618 -9.24 -21.08 -23.15
CA ILE A 618 -10.50 -21.66 -22.71
C ILE A 618 -10.91 -20.96 -21.40
N ILE A 619 -12.19 -20.63 -21.32
CA ILE A 619 -12.76 -19.83 -20.24
C ILE A 619 -13.96 -20.56 -19.66
N PHE A 620 -14.03 -20.66 -18.33
CA PHE A 620 -15.19 -21.29 -17.71
C PHE A 620 -15.38 -20.74 -16.31
N LYS A 621 -16.57 -20.95 -15.76
CA LYS A 621 -16.85 -20.46 -14.42
C LYS A 621 -16.43 -21.48 -13.39
N ALA A 622 -15.46 -21.10 -12.54
CA ALA A 622 -15.08 -21.94 -11.39
C ALA A 622 -15.92 -21.55 -10.18
N ARG A 623 -16.33 -22.55 -9.39
CA ARG A 623 -17.06 -22.31 -8.15
C ARG A 623 -16.25 -22.95 -7.03
N VAL A 624 -15.86 -22.14 -6.04
CA VAL A 624 -14.82 -22.57 -5.10
C VAL A 624 -15.28 -22.30 -3.68
N PRO A 625 -15.08 -23.29 -2.77
CA PRO A 625 -15.53 -23.08 -1.40
C PRO A 625 -14.81 -21.92 -0.68
N PRO A 626 -15.36 -21.49 0.46
CA PRO A 626 -14.69 -20.44 1.26
C PRO A 626 -13.30 -20.97 1.67
N MET A 627 -12.26 -20.16 1.47
CA MET A 627 -10.88 -20.53 1.87
C MET A 627 -10.56 -21.95 1.41
N GLY A 628 -10.98 -22.25 0.17
CA GLY A 628 -10.96 -23.64 -0.29
C GLY A 628 -10.42 -23.85 -1.68
N LEU A 629 -10.60 -25.09 -2.16
CA LEU A 629 -10.05 -25.52 -3.46
C LEU A 629 -11.10 -26.29 -4.24
N ALA A 630 -11.04 -26.19 -5.57
CA ALA A 630 -11.94 -26.93 -6.46
C ALA A 630 -11.18 -27.41 -7.68
N THR A 631 -11.34 -28.69 -8.01
CA THR A 631 -10.61 -29.32 -9.11
C THR A 631 -11.49 -29.48 -10.37
N TYR A 632 -10.91 -29.19 -11.54
CA TYR A 632 -11.62 -29.37 -12.81
C TYR A 632 -10.70 -30.14 -13.75
N VAL A 633 -11.28 -30.67 -14.83
CA VAL A 633 -10.52 -31.43 -15.81
C VAL A 633 -10.79 -30.85 -17.20
N LEU A 634 -9.72 -30.64 -17.96
CA LEU A 634 -9.80 -30.19 -19.37
C LEU A 634 -9.46 -31.38 -20.27
N THR A 635 -10.37 -31.69 -21.22
CA THR A 635 -10.21 -32.89 -22.06
C THR A 635 -10.32 -32.50 -23.52
N ILE A 636 -9.41 -33.03 -24.32
CA ILE A 636 -9.43 -32.76 -25.76
C ILE A 636 -10.38 -33.71 -26.48
N SER A 637 -10.94 -33.24 -27.59
CA SER A 637 -11.71 -34.12 -28.49
C SER A 637 -11.34 -33.77 -29.91
N ASP A 638 -11.79 -34.55 -30.88
CA ASP A 638 -11.38 -34.30 -32.27
C ASP A 638 -12.21 -33.20 -32.94
N SER A 639 -13.37 -32.89 -32.35
CA SER A 639 -14.27 -31.89 -32.90
C SER A 639 -14.91 -31.05 -31.80
N LYS A 640 -15.69 -30.05 -32.19
CA LYS A 640 -16.35 -29.16 -31.23
C LYS A 640 -17.16 -29.92 -30.18
N PRO A 641 -16.79 -29.77 -28.90
CA PRO A 641 -17.50 -30.39 -27.78
C PRO A 641 -18.87 -29.78 -27.56
N GLU A 642 -19.80 -30.57 -27.04
CA GLU A 642 -21.16 -30.10 -26.79
C GLU A 642 -21.27 -28.85 -25.89
N HIS A 643 -20.42 -28.77 -24.88
CA HIS A 643 -20.57 -27.73 -23.85
C HIS A 643 -19.57 -26.60 -23.97
N THR A 644 -18.89 -26.52 -25.12
CA THR A 644 -17.93 -25.45 -25.39
C THR A 644 -18.42 -24.63 -26.59
N SER A 645 -18.46 -23.32 -26.46
CA SER A 645 -18.79 -22.40 -27.55
C SER A 645 -17.56 -21.62 -27.97
N TYR A 646 -17.65 -20.94 -29.11
CA TYR A 646 -16.54 -20.21 -29.70
C TYR A 646 -16.92 -18.75 -29.93
N ALA A 647 -16.09 -17.83 -29.45
CA ALA A 647 -16.32 -16.42 -29.65
C ALA A 647 -16.21 -16.03 -31.12
N SER A 648 -16.98 -15.04 -31.51
CA SER A 648 -16.74 -14.37 -32.79
C SER A 648 -15.71 -13.27 -32.59
N ASN A 649 -15.05 -12.87 -33.68
CA ASN A 649 -14.03 -11.84 -33.63
C ASN A 649 -14.21 -10.93 -34.82
N LEU A 650 -14.17 -9.62 -34.55
CA LEU A 650 -14.39 -8.58 -35.56
C LEU A 650 -13.27 -7.57 -35.44
N LEU A 651 -12.48 -7.41 -36.50
CA LEU A 651 -11.41 -6.44 -36.54
C LEU A 651 -11.84 -5.22 -37.35
N LEU A 652 -11.88 -4.07 -36.68
CA LEU A 652 -12.37 -2.84 -37.27
C LEU A 652 -11.19 -1.94 -37.59
N ARG A 653 -10.97 -1.75 -38.88
CA ARG A 653 -9.88 -0.93 -39.39
C ARG A 653 -10.06 -0.76 -40.88
N LYS A 654 -9.58 0.36 -41.40
CA LYS A 654 -9.44 0.48 -42.84
C LYS A 654 -8.15 -0.26 -43.21
N ASN A 655 -8.12 -0.86 -44.40
CA ASN A 655 -6.94 -1.58 -44.86
C ASN A 655 -6.61 -2.85 -44.05
N PRO A 656 -7.62 -3.73 -43.85
CA PRO A 656 -7.38 -4.97 -43.12
C PRO A 656 -6.64 -5.97 -43.99
N THR A 657 -5.95 -6.87 -43.32
CA THR A 657 -5.37 -8.03 -43.96
C THR A 657 -5.89 -9.23 -43.19
N SER A 658 -5.75 -10.39 -43.80
CA SER A 658 -6.33 -11.62 -43.26
C SER A 658 -5.77 -11.95 -41.87
N LEU A 659 -6.54 -12.74 -41.11
CA LEU A 659 -6.17 -13.15 -39.75
C LEU A 659 -6.57 -14.62 -39.54
N PRO A 660 -5.74 -15.56 -40.02
CA PRO A 660 -6.02 -16.99 -39.86
C PRO A 660 -5.82 -17.42 -38.40
N LEU A 661 -6.59 -18.40 -37.95
CA LEU A 661 -6.56 -18.82 -36.54
C LEU A 661 -6.44 -20.33 -36.39
N GLY A 662 -5.89 -21.00 -37.40
CA GLY A 662 -5.70 -22.46 -37.34
C GLY A 662 -7.00 -23.22 -37.24
N GLN A 663 -7.11 -24.07 -36.21
CA GLN A 663 -8.27 -24.92 -36.03
C GLN A 663 -9.48 -24.19 -35.45
N TYR A 664 -9.27 -22.95 -35.02
CA TYR A 664 -10.37 -22.17 -34.46
C TYR A 664 -11.55 -22.15 -35.43
N PRO A 665 -12.72 -22.63 -35.00
CA PRO A 665 -13.82 -22.88 -35.93
C PRO A 665 -14.59 -21.68 -36.50
N GLU A 666 -14.29 -20.47 -36.04
CA GLU A 666 -14.99 -19.27 -36.50
C GLU A 666 -14.01 -18.32 -37.20
N ASP A 667 -14.34 -17.95 -38.45
CA ASP A 667 -13.48 -17.04 -39.19
C ASP A 667 -13.58 -15.59 -38.67
N VAL A 668 -12.43 -14.92 -38.55
CA VAL A 668 -12.41 -13.49 -38.16
C VAL A 668 -13.16 -12.69 -39.22
N LYS A 669 -13.98 -11.73 -38.77
CA LYS A 669 -14.68 -10.77 -39.64
C LYS A 669 -14.00 -9.41 -39.60
N PHE A 670 -14.17 -8.63 -40.66
CA PHE A 670 -13.55 -7.32 -40.82
C PHE A 670 -14.60 -6.26 -41.11
N GLY A 671 -14.29 -5.01 -40.79
CA GLY A 671 -15.16 -3.88 -41.15
C GLY A 671 -14.45 -2.57 -40.97
N ASP A 672 -15.02 -1.51 -41.53
CA ASP A 672 -14.51 -0.18 -41.24
C ASP A 672 -14.85 0.17 -39.78
N PRO A 673 -14.03 1.04 -39.13
CA PRO A 673 -14.39 1.51 -37.80
C PRO A 673 -15.84 2.01 -37.73
N ARG A 674 -16.50 1.65 -36.64
CA ARG A 674 -17.89 2.00 -36.39
C ARG A 674 -18.19 1.90 -34.92
N GLU A 675 -19.25 2.58 -34.49
CA GLU A 675 -19.72 2.42 -33.13
C GLU A 675 -20.27 1.01 -32.92
N ILE A 676 -20.09 0.46 -31.72
CA ILE A 676 -20.66 -0.84 -31.44
C ILE A 676 -21.21 -0.90 -30.02
N SER A 677 -22.09 -1.87 -29.80
CA SER A 677 -22.72 -2.11 -28.51
C SER A 677 -22.62 -3.58 -28.19
N LEU A 678 -22.41 -3.88 -26.90
CA LEU A 678 -22.27 -5.26 -26.46
C LEU A 678 -23.02 -5.45 -25.16
N ARG A 679 -23.52 -6.66 -24.95
CA ARG A 679 -24.14 -7.09 -23.70
C ARG A 679 -23.82 -8.56 -23.45
N VAL A 680 -23.25 -8.86 -22.28
CA VAL A 680 -23.03 -10.22 -21.85
C VAL A 680 -24.03 -10.57 -20.75
N GLY A 681 -24.65 -11.75 -20.90
CA GLY A 681 -25.66 -12.23 -19.94
C GLY A 681 -26.78 -11.22 -19.74
N ASN A 682 -27.19 -11.07 -18.48
CA ASN A 682 -28.22 -10.11 -18.10
C ASN A 682 -27.60 -8.83 -17.57
N GLY A 683 -26.34 -8.62 -17.93
CA GLY A 683 -25.55 -7.53 -17.37
C GLY A 683 -25.80 -6.24 -18.12
N PRO A 684 -24.94 -5.25 -17.90
CA PRO A 684 -25.13 -3.97 -18.59
C PRO A 684 -24.87 -4.04 -20.08
N THR A 685 -25.45 -3.10 -20.83
CA THR A 685 -25.15 -2.94 -22.24
C THR A 685 -24.20 -1.77 -22.37
N LEU A 686 -23.06 -1.99 -23.02
CA LEU A 686 -22.03 -0.97 -23.13
C LEU A 686 -21.93 -0.54 -24.59
N ALA A 687 -21.88 0.77 -24.81
CA ALA A 687 -21.67 1.31 -26.14
C ALA A 687 -20.29 1.92 -26.25
N PHE A 688 -19.65 1.75 -27.42
CA PHE A 688 -18.29 2.22 -27.69
C PHE A 688 -18.25 3.10 -28.91
N SER A 689 -17.36 4.08 -28.88
CA SER A 689 -17.10 4.93 -30.04
C SER A 689 -16.37 4.13 -31.12
N GLU A 690 -16.26 4.72 -32.30
CA GLU A 690 -15.48 4.10 -33.38
C GLU A 690 -14.00 3.96 -33.06
N GLN A 691 -13.55 4.66 -32.01
CA GLN A 691 -12.17 4.56 -31.52
CA GLN A 691 -12.17 4.52 -31.57
C GLN A 691 -11.99 3.48 -30.45
N GLY A 692 -13.04 2.72 -30.18
CA GLY A 692 -12.99 1.60 -29.23
C GLY A 692 -13.03 2.00 -27.76
N LEU A 693 -13.53 3.22 -27.48
CA LEU A 693 -13.61 3.74 -26.12
C LEU A 693 -15.05 3.82 -25.67
N LEU A 694 -15.27 3.45 -24.41
CA LEU A 694 -16.59 3.49 -23.83
C LEU A 694 -17.23 4.85 -24.00
N LYS A 695 -18.51 4.86 -24.36
CA LYS A 695 -19.29 6.11 -24.44
C LYS A 695 -20.53 6.11 -23.55
N SER A 696 -21.09 4.93 -23.26
CA SER A 696 -22.29 4.84 -22.39
C SER A 696 -22.48 3.47 -21.77
N ILE A 697 -23.21 3.42 -20.64
CA ILE A 697 -23.56 2.20 -19.94
C ILE A 697 -25.07 2.23 -19.70
N GLN A 698 -25.74 1.13 -20.05
CA GLN A 698 -27.17 1.00 -19.82
C GLN A 698 -27.33 -0.15 -18.86
N LEU A 699 -27.80 0.12 -17.63
CA LEU A 699 -27.78 -0.93 -16.60
C LEU A 699 -28.75 -2.08 -16.88
N THR A 700 -29.95 -1.75 -17.35
CA THR A 700 -30.97 -2.76 -17.62
C THR A 700 -31.68 -2.50 -18.96
N GLN A 701 -32.52 -3.45 -19.35
CA GLN A 701 -33.30 -3.42 -20.60
C GLN A 701 -34.01 -2.09 -20.86
N ASP A 702 -34.74 -1.60 -19.85
CA ASP A 702 -35.55 -0.39 -19.99
C ASP A 702 -34.78 0.90 -19.71
N SER A 703 -33.74 0.79 -18.88
CA SER A 703 -33.03 1.95 -18.35
C SER A 703 -32.31 2.80 -19.41
N PRO A 704 -31.94 4.05 -19.05
CA PRO A 704 -31.24 4.98 -19.95
C PRO A 704 -29.80 4.56 -20.32
N HIS A 705 -29.34 5.04 -21.46
CA HIS A 705 -27.92 4.93 -21.84
C HIS A 705 -27.15 6.08 -21.18
N VAL A 706 -26.54 5.78 -20.03
CA VAL A 706 -25.90 6.82 -19.24
C VAL A 706 -24.54 7.19 -19.84
N PRO A 707 -24.30 8.46 -20.19
CA PRO A 707 -23.00 8.85 -20.74
C PRO A 707 -21.86 8.62 -19.76
N VAL A 708 -20.90 7.81 -20.21
CA VAL A 708 -19.69 7.47 -19.43
C VAL A 708 -18.62 7.32 -20.50
N HIS A 709 -17.76 8.30 -20.62
CA HIS A 709 -16.76 8.33 -21.70
C HIS A 709 -15.34 8.18 -21.19
N PHE A 710 -14.60 7.20 -21.71
CA PHE A 710 -13.16 7.09 -21.44
C PHE A 710 -12.40 7.95 -22.45
N LYS A 711 -11.37 8.62 -21.96
CA LYS A 711 -10.51 9.49 -22.76
C LYS A 711 -9.10 9.39 -22.20
N PHE A 712 -8.10 9.38 -23.08
CA PHE A 712 -6.71 9.45 -22.70
C PHE A 712 -6.13 10.81 -23.03
N LEU A 713 -5.41 11.38 -22.07
CA LEU A 713 -4.81 12.72 -22.20
C LEU A 713 -3.36 12.69 -21.73
N LYS A 714 -2.63 13.76 -22.00
CA LYS A 714 -1.24 13.89 -21.55
C LYS A 714 -0.98 15.20 -20.84
N TYR A 715 -0.24 15.11 -19.74
CA TYR A 715 0.34 16.26 -19.09
C TYR A 715 1.80 16.38 -19.51
N GLY A 716 2.31 17.60 -19.55
CA GLY A 716 3.72 17.82 -19.84
C GLY A 716 4.42 18.43 -18.63
N VAL A 717 5.59 19.01 -18.90
CA VAL A 717 6.47 19.56 -17.88
C VAL A 717 6.75 21.02 -18.24
N ARG A 718 7.00 21.83 -17.22
CA ARG A 718 7.22 23.27 -17.40
C ARG A 718 8.54 23.54 -18.06
N SER A 719 8.56 24.55 -18.92
CA SER A 719 9.77 24.92 -19.64
C SER A 719 10.60 25.94 -18.86
N HIS A 720 10.02 26.53 -17.82
CA HIS A 720 10.74 27.39 -16.89
C HIS A 720 10.28 27.10 -15.47
N GLY A 721 11.16 27.34 -14.50
CA GLY A 721 10.89 27.05 -13.10
C GLY A 721 11.07 25.58 -12.78
N ASP A 722 10.36 25.13 -11.75
CA ASP A 722 10.58 23.78 -11.21
C ASP A 722 10.03 22.69 -12.13
N ARG A 723 10.80 21.61 -12.27
CA ARG A 723 10.41 20.51 -13.14
C ARG A 723 9.86 19.31 -12.37
N SER A 724 8.84 18.67 -12.95
CA SER A 724 8.34 17.41 -12.39
C SER A 724 9.45 16.38 -12.35
N GLY A 725 9.41 15.50 -11.34
CA GLY A 725 10.35 14.38 -11.27
C GLY A 725 9.67 13.25 -10.53
N ALA A 726 10.46 12.34 -9.95
CA ALA A 726 9.88 11.16 -9.28
C ALA A 726 8.91 11.50 -8.15
N TYR A 727 9.15 12.62 -7.46
CA TYR A 727 8.31 13.04 -6.34
C TYR A 727 7.21 14.02 -6.74
N LEU A 728 7.62 15.07 -7.47
CA LEU A 728 6.76 16.23 -7.72
C LEU A 728 6.01 16.15 -9.04
N PHE A 729 4.72 16.53 -9.00
CA PHE A 729 3.91 16.69 -10.19
C PHE A 729 3.73 18.18 -10.39
N LEU A 730 4.35 18.71 -11.45
CA LEU A 730 4.33 20.16 -11.74
C LEU A 730 3.93 20.36 -13.19
N PRO A 731 2.64 20.09 -13.49
CA PRO A 731 2.21 20.10 -14.89
C PRO A 731 2.26 21.50 -15.50
N ASN A 732 2.45 21.53 -16.82
CA ASN A 732 2.37 22.79 -17.58
C ASN A 732 0.94 23.04 -18.05
N GLY A 733 0.01 23.06 -17.10
CA GLY A 733 -1.39 23.28 -17.41
C GLY A 733 -2.22 22.00 -17.47
N PRO A 734 -3.54 22.14 -17.66
CA PRO A 734 -4.41 20.99 -17.83
C PRO A 734 -3.94 20.10 -18.97
N ALA A 735 -4.32 18.83 -18.87
CA ALA A 735 -3.91 17.82 -19.83
C ALA A 735 -4.52 18.09 -21.21
N SER A 736 -3.78 17.66 -22.23
CA SER A 736 -4.19 17.77 -23.63
C SER A 736 -4.56 16.39 -24.16
N PRO A 737 -5.61 16.28 -25.01
CA PRO A 737 -5.95 14.94 -25.52
C PRO A 737 -4.81 14.24 -26.28
N VAL A 738 -4.63 12.94 -26.04
CA VAL A 738 -3.76 12.13 -26.91
C VAL A 738 -4.38 12.09 -28.32
N GLU A 739 -3.58 12.39 -29.34
CA GLU A 739 -4.05 12.29 -30.73
C GLU A 739 -4.11 10.82 -31.09
N LEU A 740 -5.31 10.34 -31.39
CA LEU A 740 -5.54 8.89 -31.54
C LEU A 740 -5.37 8.33 -32.96
N GLY A 741 -5.41 9.21 -33.96
CA GLY A 741 -5.42 8.76 -35.36
C GLY A 741 -6.65 7.92 -35.66
N GLN A 742 -6.47 6.84 -36.42
CA GLN A 742 -7.57 5.92 -36.69
C GLN A 742 -7.16 4.56 -36.14
N PRO A 743 -7.38 4.35 -34.84
CA PRO A 743 -6.84 3.14 -34.24
C PRO A 743 -7.58 1.86 -34.62
N VAL A 744 -6.86 0.75 -34.55
CA VAL A 744 -7.41 -0.57 -34.83
C VAL A 744 -8.15 -1.06 -33.60
N VAL A 745 -9.39 -1.52 -33.80
CA VAL A 745 -10.27 -1.99 -32.73
C VAL A 745 -10.61 -3.45 -32.94
N LEU A 746 -10.48 -4.26 -31.89
CA LEU A 746 -10.82 -5.67 -31.94
C LEU A 746 -12.00 -5.98 -31.03
N VAL A 747 -13.06 -6.55 -31.59
CA VAL A 747 -14.26 -6.90 -30.83
C VAL A 747 -14.38 -8.41 -30.79
N THR A 748 -14.34 -8.98 -29.58
CA THR A 748 -14.55 -10.41 -29.40
C THR A 748 -15.86 -10.60 -28.66
N LYS A 749 -16.76 -11.42 -29.22
CA LYS A 749 -18.10 -11.58 -28.65
C LYS A 749 -18.35 -13.04 -28.35
N GLY A 750 -18.59 -13.32 -27.07
CA GLY A 750 -18.79 -14.69 -26.63
C GLY A 750 -19.92 -14.77 -25.65
N LYS A 751 -20.37 -15.99 -25.38
CA LYS A 751 -21.49 -16.19 -24.47
C LYS A 751 -21.09 -15.87 -23.03
N LEU A 752 -19.85 -16.18 -22.67
CA LEU A 752 -19.37 -15.99 -21.28
C LEU A 752 -18.56 -14.70 -21.10
N GLU A 753 -17.83 -14.30 -22.15
CA GLU A 753 -16.96 -13.15 -22.07
C GLU A 753 -16.88 -12.46 -23.43
N SER A 754 -17.03 -11.15 -23.42
CA SER A 754 -16.82 -10.32 -24.59
C SER A 754 -15.84 -9.21 -24.27
N SER A 755 -15.25 -8.61 -25.31
CA SER A 755 -14.32 -7.50 -25.07
CA SER A 755 -14.17 -7.64 -25.14
C SER A 755 -14.14 -6.63 -26.29
N VAL A 756 -13.77 -5.39 -26.01
CA VAL A 756 -13.36 -4.42 -27.01
C VAL A 756 -11.95 -3.96 -26.65
N SER A 757 -11.01 -4.14 -27.57
CA SER A 757 -9.62 -3.74 -27.35
C SER A 757 -9.18 -2.79 -28.45
N VAL A 758 -8.41 -1.76 -28.11
CA VAL A 758 -7.93 -0.79 -29.10
C VAL A 758 -6.48 -0.44 -28.87
N GLY A 759 -5.72 -0.40 -29.96
CA GLY A 759 -4.29 -0.04 -29.88
C GLY A 759 -4.12 1.45 -30.02
N LEU A 760 -4.05 2.16 -28.89
CA LEU A 760 -3.85 3.61 -28.87
C LEU A 760 -2.37 3.91 -28.71
N PRO A 761 -1.94 5.14 -29.01
CA PRO A 761 -0.56 5.49 -28.73
C PRO A 761 -0.28 5.36 -27.23
N SER A 762 0.72 4.53 -26.92
CA SER A 762 1.17 4.21 -25.56
C SER A 762 0.26 3.30 -24.75
N VAL A 763 -0.92 2.93 -25.22
CA VAL A 763 -1.83 2.13 -24.42
C VAL A 763 -2.64 1.19 -25.27
N VAL A 764 -2.57 -0.11 -24.97
CA VAL A 764 -3.58 -1.02 -25.52
C VAL A 764 -4.67 -1.07 -24.45
N HIS A 765 -5.84 -0.50 -24.78
CA HIS A 765 -6.95 -0.31 -23.84
C HIS A 765 -8.01 -1.37 -24.11
N GLN A 766 -8.45 -2.05 -23.07
CA GLN A 766 -9.34 -3.19 -23.21
C GLN A 766 -10.49 -3.09 -22.20
N THR A 767 -11.71 -3.25 -22.69
CA THR A 767 -12.91 -3.34 -21.86
C THR A 767 -13.46 -4.75 -21.97
N ILE A 768 -13.52 -5.44 -20.83
CA ILE A 768 -13.93 -6.84 -20.79
C ILE A 768 -15.23 -6.99 -20.02
N MET A 769 -16.15 -7.78 -20.57
CA MET A 769 -17.50 -7.92 -20.06
C MET A 769 -17.78 -9.38 -19.77
N ARG A 770 -18.19 -9.68 -18.53
CA ARG A 770 -18.48 -11.04 -18.11
CA ARG A 770 -18.51 -11.04 -18.15
C ARG A 770 -19.87 -11.15 -17.49
N GLY A 771 -20.67 -10.11 -17.63
CA GLY A 771 -22.01 -10.17 -17.10
C GLY A 771 -22.30 -9.25 -15.97
N GLY A 772 -21.24 -8.61 -15.42
CA GLY A 772 -21.40 -7.55 -14.40
C GLY A 772 -20.68 -6.27 -14.78
N ALA A 773 -20.22 -5.50 -13.80
CA ALA A 773 -19.38 -4.34 -14.08
C ALA A 773 -18.18 -4.76 -14.96
N PRO A 774 -17.87 -3.97 -15.98
CA PRO A 774 -16.72 -4.37 -16.82
C PRO A 774 -15.38 -4.30 -16.08
N GLU A 775 -14.42 -5.05 -16.63
CA GLU A 775 -13.03 -4.98 -16.23
C GLU A 775 -12.31 -4.18 -17.30
N ILE A 776 -11.47 -3.25 -16.87
CA ILE A 776 -10.64 -2.49 -17.80
C ILE A 776 -9.20 -2.92 -17.62
N ARG A 777 -8.50 -3.20 -18.72
CA ARG A 777 -7.05 -3.45 -18.67
C ARG A 777 -6.35 -2.51 -19.62
N ASN A 778 -5.29 -1.85 -19.13
CA ASN A 778 -4.47 -1.01 -19.97
C ASN A 778 -3.07 -1.56 -19.99
N LEU A 779 -2.58 -1.92 -21.18
CA LEU A 779 -1.17 -2.28 -21.34
C LEU A 779 -0.46 -0.98 -21.70
N VAL A 780 0.25 -0.43 -20.73
CA VAL A 780 0.80 0.93 -20.84
C VAL A 780 2.30 0.88 -21.16
N ASP A 781 2.66 1.41 -22.33
CA ASP A 781 4.06 1.49 -22.73
C ASP A 781 4.34 2.89 -23.22
N ILE A 782 4.81 3.74 -22.30
CA ILE A 782 5.05 5.13 -22.62
C ILE A 782 6.26 5.31 -23.51
N GLY A 783 7.00 4.23 -23.76
CA GLY A 783 8.04 4.23 -24.80
C GLY A 783 9.06 5.30 -24.51
N SER A 784 9.37 6.11 -25.53
CA SER A 784 10.39 7.15 -25.40
C SER A 784 9.79 8.56 -25.29
N LEU A 785 8.54 8.66 -24.85
CA LEU A 785 7.89 9.96 -24.71
C LEU A 785 8.37 10.74 -23.48
N ASP A 786 9.50 11.44 -23.62
CA ASP A 786 10.04 12.19 -22.50
C ASP A 786 9.10 13.31 -22.02
N ASN A 787 9.15 13.56 -20.72
CA ASN A 787 8.40 14.66 -20.11
C ASN A 787 6.92 14.59 -20.40
N THR A 788 6.38 13.37 -20.23
CA THR A 788 4.97 13.09 -20.50
C THR A 788 4.37 12.27 -19.34
N GLU A 789 3.16 12.64 -18.93
CA GLU A 789 2.38 11.81 -17.99
C GLU A 789 1.08 11.48 -18.69
N ILE A 790 0.76 10.18 -18.79
CA ILE A 790 -0.43 9.72 -19.49
C ILE A 790 -1.52 9.50 -18.45
N VAL A 791 -2.67 10.13 -18.65
CA VAL A 791 -3.81 10.03 -17.75
C VAL A 791 -5.01 9.39 -18.46
N MET A 792 -5.74 8.57 -17.71
CA MET A 792 -7.01 8.02 -18.17
C MET A 792 -8.11 8.76 -17.44
N ARG A 793 -9.02 9.39 -18.19
CA ARG A 793 -10.12 10.18 -17.61
C ARG A 793 -11.44 9.56 -17.99
N LEU A 794 -12.40 9.65 -17.07
CA LEU A 794 -13.81 9.35 -17.29
C LEU A 794 -14.62 10.63 -17.21
N GLU A 795 -15.45 10.86 -18.23
CA GLU A 795 -16.35 12.02 -18.29
C GLU A 795 -17.79 11.54 -18.20
N THR A 796 -18.54 12.09 -17.24
CA THR A 796 -19.92 11.73 -17.05
C THR A 796 -20.76 12.99 -16.80
N HIS A 797 -22.06 12.74 -16.62
N HIS A 797 -22.07 12.85 -16.69
CA HIS A 797 -23.04 13.77 -16.32
CA HIS A 797 -22.90 14.01 -16.27
C HIS A 797 -23.23 14.01 -14.86
C HIS A 797 -23.51 13.71 -14.86
N ILE A 798 -22.69 13.10 -14.03
CA ILE A 798 -22.97 13.03 -12.60
C ILE A 798 -22.67 14.40 -11.99
N ASP A 799 -23.64 14.94 -11.23
CA ASP A 799 -23.52 16.28 -10.67
C ASP A 799 -22.76 16.25 -9.34
N SER A 800 -21.47 15.91 -9.41
CA SER A 800 -20.65 15.73 -8.22
C SER A 800 -20.10 17.07 -7.70
N GLY A 801 -20.08 18.12 -8.53
CA GLY A 801 -19.61 19.42 -8.09
C GLY A 801 -18.13 19.38 -7.82
N ASP A 802 -17.72 19.66 -6.58
CA ASP A 802 -16.32 19.65 -6.20
C ASP A 802 -15.97 18.49 -5.26
N ILE A 803 -16.86 17.51 -5.14
CA ILE A 803 -16.65 16.39 -4.21
C ILE A 803 -16.28 15.10 -4.94
N PHE A 804 -15.35 14.36 -4.37
CA PHE A 804 -15.00 13.03 -4.84
C PHE A 804 -14.45 12.24 -3.66
N TYR A 805 -14.31 10.94 -3.83
CA TYR A 805 -13.86 10.07 -2.75
C TYR A 805 -12.71 9.23 -3.23
N THR A 806 -11.68 9.09 -2.38
CA THR A 806 -10.55 8.20 -2.71
C THR A 806 -10.27 7.36 -1.46
N ASP A 807 -9.61 6.22 -1.64
CA ASP A 807 -9.33 5.40 -0.46
C ASP A 807 -7.97 5.70 0.17
N LEU A 808 -7.86 5.29 1.43
CA LEU A 808 -6.61 5.31 2.17
C LEU A 808 -6.18 3.88 2.44
N ASN A 809 -5.07 3.47 1.79
CA ASN A 809 -4.44 2.17 2.04
C ASN A 809 -5.38 0.96 1.86
N GLY A 810 -6.41 1.09 1.00
CA GLY A 810 -7.31 -0.05 0.81
C GLY A 810 -8.20 -0.32 2.01
N LEU A 811 -8.25 0.61 2.96
CA LEU A 811 -8.96 0.38 4.24
C LEU A 811 -10.26 1.18 4.38
N GLN A 812 -10.28 2.40 3.86
CA GLN A 812 -11.38 3.33 4.13
C GLN A 812 -11.44 4.32 2.98
N PHE A 813 -12.62 4.88 2.73
CA PHE A 813 -12.82 5.93 1.74
C PHE A 813 -13.02 7.27 2.42
N ILE A 814 -12.29 8.26 1.98
CA ILE A 814 -12.31 9.58 2.58
C ILE A 814 -12.85 10.58 1.56
N LYS A 815 -13.70 11.48 2.03
CA LYS A 815 -14.21 12.56 1.20
C LYS A 815 -13.12 13.58 0.87
N ARG A 816 -13.03 13.89 -0.43
CA ARG A 816 -12.14 14.93 -0.93
C ARG A 816 -12.97 16.08 -1.47
N ARG A 817 -12.43 17.29 -1.33
CA ARG A 817 -13.05 18.46 -1.98
C ARG A 817 -11.99 19.12 -2.84
N ARG A 818 -12.29 19.19 -4.14
CA ARG A 818 -11.42 19.89 -5.07
C ARG A 818 -11.37 21.36 -4.69
N LEU A 819 -10.18 21.93 -4.60
CA LEU A 819 -10.02 23.33 -4.18
C LEU A 819 -9.34 24.11 -5.29
N ASP A 820 -10.10 25.01 -5.90
CA ASP A 820 -9.56 25.80 -7.00
C ASP A 820 -8.55 26.84 -6.50
N LYS A 821 -8.53 27.08 -5.18
CA LYS A 821 -7.54 27.98 -4.59
C LYS A 821 -6.15 27.34 -4.53
N LEU A 822 -6.08 26.03 -4.78
CA LEU A 822 -4.81 25.32 -4.84
C LEU A 822 -4.52 24.92 -6.29
N PRO A 823 -3.24 24.72 -6.64
CA PRO A 823 -2.90 24.33 -8.00
C PRO A 823 -3.35 22.89 -8.33
N LEU A 824 -3.40 22.59 -9.62
CA LEU A 824 -3.88 21.32 -10.09
C LEU A 824 -3.28 20.13 -9.33
N GLN A 825 -1.96 20.14 -9.18
CA GLN A 825 -1.24 18.99 -8.55
C GLN A 825 -1.59 18.78 -7.07
N ALA A 826 -2.08 19.85 -6.41
CA ALA A 826 -2.53 19.73 -5.03
C ALA A 826 -3.83 18.95 -4.92
N ASN A 827 -4.59 18.90 -6.02
CA ASN A 827 -5.88 18.22 -6.05
C ASN A 827 -5.78 16.74 -6.44
N TYR A 828 -4.55 16.30 -6.70
CA TYR A 828 -4.24 14.90 -6.91
C TYR A 828 -4.04 14.22 -5.55
N TYR A 829 -4.60 13.01 -5.42
CA TYR A 829 -4.54 12.23 -4.18
C TYR A 829 -4.13 10.80 -4.52
N PRO A 830 -3.65 10.05 -3.52
CA PRO A 830 -3.36 8.64 -3.78
C PRO A 830 -4.68 7.91 -4.13
N ILE A 831 -4.63 7.00 -5.11
CA ILE A 831 -5.74 6.08 -5.39
C ILE A 831 -5.20 4.66 -5.14
N PRO A 832 -5.01 4.30 -3.85
CA PRO A 832 -4.40 2.99 -3.60
C PRO A 832 -5.27 1.82 -4.01
N SER A 833 -6.60 1.98 -4.06
CA SER A 833 -7.49 0.90 -4.50
C SER A 833 -8.81 1.33 -5.13
N GLY A 834 -9.22 2.59 -4.95
CA GLY A 834 -10.46 3.00 -5.61
C GLY A 834 -10.80 4.46 -5.42
N MET A 835 -11.73 4.91 -6.25
CA MET A 835 -12.20 6.29 -6.18
C MET A 835 -13.63 6.33 -6.71
N PHE A 836 -14.41 7.31 -6.27
CA PHE A 836 -15.75 7.47 -6.81
C PHE A 836 -16.24 8.90 -6.80
N ILE A 837 -17.21 9.15 -7.67
CA ILE A 837 -18.00 10.39 -7.64
C ILE A 837 -19.48 10.02 -7.61
N GLU A 838 -20.29 10.90 -7.01
CA GLU A 838 -21.72 10.65 -6.96
C GLU A 838 -22.53 11.93 -6.85
N ASP A 839 -23.79 11.84 -7.25
CA ASP A 839 -24.77 12.88 -6.92
C ASP A 839 -25.92 12.22 -6.14
N ALA A 840 -27.09 12.86 -6.08
CA ALA A 840 -28.22 12.29 -5.38
C ALA A 840 -28.60 10.91 -5.91
N ASN A 841 -28.39 10.69 -7.21
CA ASN A 841 -28.97 9.50 -7.86
C ASN A 841 -28.01 8.44 -8.36
N THR A 842 -26.82 8.87 -8.74
CA THR A 842 -25.92 8.02 -9.53
C THR A 842 -24.51 8.10 -8.96
N ARG A 843 -23.81 6.96 -8.96
CA ARG A 843 -22.41 6.89 -8.54
C ARG A 843 -21.61 6.18 -9.62
N LEU A 844 -20.36 6.62 -9.82
CA LEU A 844 -19.42 5.90 -10.68
C LEU A 844 -18.19 5.60 -9.81
N THR A 845 -17.88 4.32 -9.66
CA THR A 845 -16.70 3.89 -8.86
C THR A 845 -15.69 3.19 -9.79
N LEU A 846 -14.43 3.61 -9.68
CA LEU A 846 -13.34 2.95 -10.39
C LEU A 846 -12.46 2.27 -9.34
N LEU A 847 -12.40 0.94 -9.39
CA LEU A 847 -11.55 0.15 -8.48
C LEU A 847 -10.26 -0.18 -9.22
N THR A 848 -9.15 -0.21 -8.50
CA THR A 848 -7.84 -0.46 -9.11
C THR A 848 -7.13 -1.70 -8.56
N GLY A 849 -6.30 -2.30 -9.40
CA GLY A 849 -5.42 -3.41 -8.98
C GLY A 849 -4.02 -2.95 -8.64
N GLN A 850 -3.82 -1.63 -8.55
CA GLN A 850 -2.50 -1.04 -8.29
C GLN A 850 -2.71 0.39 -7.81
N PRO A 851 -1.83 0.89 -6.93
CA PRO A 851 -1.93 2.29 -6.51
C PRO A 851 -1.42 3.22 -7.60
N LEU A 852 -2.20 4.27 -7.86
CA LEU A 852 -1.84 5.29 -8.86
C LEU A 852 -2.35 6.63 -8.35
N GLY A 853 -1.95 7.75 -8.95
CA GLY A 853 -2.46 9.06 -8.53
C GLY A 853 -3.69 9.46 -9.31
N GLY A 854 -4.58 10.22 -8.67
CA GLY A 854 -5.79 10.62 -9.41
C GLY A 854 -6.53 11.77 -8.81
N SER A 855 -7.61 12.17 -9.47
CA SER A 855 -8.38 13.32 -9.01
C SER A 855 -9.74 13.35 -9.68
N SER A 856 -10.53 14.37 -9.32
CA SER A 856 -11.72 14.77 -10.07
C SER A 856 -11.55 16.26 -10.30
N LEU A 857 -11.11 16.67 -11.48
CA LEU A 857 -10.76 18.08 -11.70
C LEU A 857 -11.94 18.93 -12.17
N ALA A 858 -13.06 18.29 -12.39
CA ALA A 858 -14.32 18.96 -12.77
C ALA A 858 -15.48 18.06 -12.43
N SER A 859 -16.64 18.66 -12.18
CA SER A 859 -17.83 17.93 -11.84
C SER A 859 -18.08 16.84 -12.89
N GLY A 860 -18.42 15.65 -12.42
CA GLY A 860 -18.68 14.51 -13.29
C GLY A 860 -17.45 13.74 -13.80
N GLU A 861 -16.24 14.18 -13.45
CA GLU A 861 -15.02 13.50 -13.92
C GLU A 861 -14.31 12.66 -12.87
N LEU A 862 -13.63 11.63 -13.34
CA LEU A 862 -12.60 10.91 -12.54
C LEU A 862 -11.39 10.82 -13.45
N GLU A 863 -10.20 10.88 -12.88
CA GLU A 863 -9.03 10.59 -13.69
C GLU A 863 -7.94 9.92 -12.87
N ILE A 864 -7.12 9.14 -13.55
CA ILE A 864 -6.09 8.37 -12.86
C ILE A 864 -4.88 8.24 -13.78
N MET A 865 -3.71 8.58 -13.23
CA MET A 865 -2.48 8.57 -13.99
C MET A 865 -2.01 7.13 -14.25
N GLN A 866 -1.55 6.89 -15.48
CA GLN A 866 -1.12 5.55 -15.90
C GLN A 866 0.39 5.33 -15.82
N ASP A 867 1.16 6.30 -16.31
CA ASP A 867 2.62 6.29 -16.16
C ASP A 867 3.14 7.70 -16.41
N ARG A 868 4.39 7.92 -16.06
CA ARG A 868 5.01 9.22 -16.21
C ARG A 868 6.48 9.00 -16.52
N ARG A 869 7.01 9.75 -17.49
CA ARG A 869 8.40 9.65 -17.92
C ARG A 869 8.96 11.06 -17.87
N LEU A 870 9.96 11.25 -17.03
CA LEU A 870 10.46 12.60 -16.70
C LEU A 870 11.94 12.68 -16.82
N ALA A 871 12.39 13.66 -17.59
CA ALA A 871 13.80 13.76 -17.90
C ALA A 871 14.62 14.39 -16.77
N SER A 872 13.97 15.22 -15.95
CA SER A 872 14.68 16.03 -14.97
C SER A 872 14.57 15.46 -13.55
N ASP A 873 15.61 15.72 -12.75
CA ASP A 873 15.58 15.54 -11.32
C ASP A 873 14.77 16.68 -10.70
N ASP A 874 14.04 16.38 -9.63
CA ASP A 874 13.20 17.37 -8.95
C ASP A 874 13.73 17.79 -7.57
N GLU A 875 15.05 17.73 -7.39
CA GLU A 875 15.72 18.41 -6.28
C GLU A 875 15.38 17.89 -4.88
N ARG A 876 15.05 16.59 -4.78
CA ARG A 876 14.79 15.97 -3.47
C ARG A 876 15.80 14.86 -3.16
N GLY A 877 16.95 14.91 -3.84
CA GLY A 877 18.08 14.03 -3.53
C GLY A 877 18.23 12.79 -4.35
N LEU A 878 17.26 12.49 -5.20
CA LEU A 878 17.32 11.28 -6.01
C LEU A 878 18.43 11.36 -7.09
N GLY A 879 18.63 12.55 -7.65
CA GLY A 879 19.71 12.75 -8.63
C GLY A 879 19.49 12.06 -9.96
N GLN A 880 18.24 11.86 -10.34
CA GLN A 880 17.94 11.37 -11.68
C GLN A 880 16.47 11.65 -11.97
N GLY A 881 16.11 11.64 -13.25
CA GLY A 881 14.72 11.61 -13.64
C GLY A 881 14.13 10.21 -13.56
N VAL A 882 12.99 10.04 -14.22
CA VAL A 882 12.36 8.73 -14.31
C VAL A 882 12.31 8.38 -15.80
N LEU A 883 13.29 7.58 -16.23
CA LEU A 883 13.48 7.23 -17.65
C LEU A 883 13.59 5.72 -17.83
N ASP A 884 13.21 4.96 -16.80
CA ASP A 884 13.32 3.50 -16.77
C ASP A 884 11.97 2.81 -16.88
N ASN A 885 11.01 3.49 -17.51
CA ASN A 885 9.68 2.93 -17.71
C ASN A 885 9.75 1.58 -18.41
N LYS A 886 8.81 0.72 -18.07
CA LYS A 886 8.63 -0.54 -18.79
C LYS A 886 7.13 -0.86 -18.90
N PRO A 887 6.74 -1.65 -19.91
CA PRO A 887 5.32 -2.00 -20.07
C PRO A 887 4.71 -2.58 -18.80
N VAL A 888 3.51 -2.10 -18.47
CA VAL A 888 2.80 -2.54 -17.29
C VAL A 888 1.34 -2.76 -17.67
N LEU A 889 0.75 -3.82 -17.14
CA LEU A 889 -0.68 -4.07 -17.31
C LEU A 889 -1.47 -3.61 -16.08
N HIS A 890 -2.10 -2.45 -16.21
CA HIS A 890 -2.97 -1.93 -15.15
C HIS A 890 -4.37 -2.54 -15.27
N ILE A 891 -4.96 -2.86 -14.13
CA ILE A 891 -6.28 -3.48 -14.14
C ILE A 891 -7.27 -2.69 -13.28
N TYR A 892 -8.55 -2.72 -13.69
CA TYR A 892 -9.59 -1.94 -13.02
C TYR A 892 -10.94 -2.64 -13.12
N ARG A 893 -11.88 -2.24 -12.27
CA ARG A 893 -13.29 -2.52 -12.51
C ARG A 893 -14.03 -1.17 -12.49
N LEU A 894 -15.05 -1.06 -13.34
CA LEU A 894 -15.79 0.21 -13.48
C LEU A 894 -17.25 -0.05 -13.15
N VAL A 895 -17.72 0.51 -12.03
CA VAL A 895 -19.05 0.22 -11.50
C VAL A 895 -19.95 1.47 -11.51
N LEU A 896 -20.91 1.48 -12.43
CA LEU A 896 -21.96 2.52 -12.47
C LEU A 896 -23.17 1.98 -11.71
N GLU A 897 -23.69 2.77 -10.76
CA GLU A 897 -24.80 2.30 -9.95
C GLU A 897 -25.76 3.42 -9.64
N LYS A 898 -27.00 3.05 -9.40
CA LYS A 898 -27.98 3.95 -8.81
C LYS A 898 -27.83 3.93 -7.29
N VAL A 899 -27.80 5.12 -6.70
CA VAL A 899 -27.62 5.23 -5.24
C VAL A 899 -28.71 6.04 -4.55
N ASN A 900 -29.76 6.37 -5.29
CA ASN A 900 -30.86 7.15 -4.68
C ASN A 900 -31.54 6.44 -3.51
N ASN A 901 -31.48 5.11 -3.48
CA ASN A 901 -32.09 4.32 -2.39
C ASN A 901 -31.14 3.96 -1.26
N CYS A 902 -29.86 4.32 -1.39
CA CYS A 902 -28.86 3.94 -0.40
C CYS A 902 -28.88 4.86 0.82
N VAL A 903 -28.67 4.29 1.99
CA VAL A 903 -28.52 5.07 3.21
C VAL A 903 -27.06 5.57 3.27
N ARG A 904 -26.87 6.86 3.03
CA ARG A 904 -25.54 7.42 2.98
C ARG A 904 -25.29 8.31 4.18
N PRO A 905 -24.01 8.59 4.46
CA PRO A 905 -23.70 9.56 5.50
C PRO A 905 -24.28 10.93 5.16
N SER A 906 -24.48 11.74 6.20
CA SER A 906 -24.90 13.10 5.99
C SER A 906 -23.85 13.92 5.24
N LYS A 907 -24.26 15.10 4.79
CA LYS A 907 -23.40 15.98 4.02
C LYS A 907 -22.15 16.40 4.80
N LEU A 908 -22.21 16.34 6.13
CA LEU A 908 -21.07 16.78 6.96
C LEU A 908 -20.11 15.65 7.35
N HIS A 909 -20.48 14.42 7.06
CA HIS A 909 -19.64 13.27 7.43
C HIS A 909 -18.40 13.23 6.52
N PRO A 910 -17.20 13.06 7.09
CA PRO A 910 -16.00 13.02 6.25
C PRO A 910 -15.70 11.70 5.52
N ALA A 911 -16.50 10.63 5.74
CA ALA A 911 -16.26 9.32 5.07
C ALA A 911 -17.25 9.03 3.98
N GLY A 912 -16.90 8.07 3.13
CA GLY A 912 -17.85 7.43 2.24
C GLY A 912 -17.66 5.93 2.31
N TYR A 913 -18.61 5.17 1.72
CA TYR A 913 -18.62 3.71 1.79
C TYR A 913 -19.03 3.12 0.47
N LEU A 914 -18.40 2.00 0.14
CA LEU A 914 -18.73 1.26 -1.06
C LEU A 914 -20.07 0.55 -0.95
N THR A 915 -20.64 0.24 -2.11
CA THR A 915 -21.70 -0.72 -2.20
C THR A 915 -21.14 -2.15 -2.22
N SER A 916 -22.00 -3.14 -2.01
CA SER A 916 -21.63 -4.53 -2.21
C SER A 916 -20.96 -4.80 -3.54
N ALA A 917 -21.56 -4.31 -4.62
CA ALA A 917 -21.01 -4.63 -5.95
C ALA A 917 -19.60 -4.04 -6.10
N ALA A 918 -19.40 -2.82 -5.60
CA ALA A 918 -18.07 -2.19 -5.74
C ALA A 918 -17.03 -2.91 -4.87
N HIS A 919 -17.41 -3.29 -3.66
CA HIS A 919 -16.51 -4.02 -2.79
C HIS A 919 -16.11 -5.37 -3.41
N LYS A 920 -17.09 -6.12 -3.92
CA LYS A 920 -16.75 -7.39 -4.57
C LYS A 920 -15.89 -7.17 -5.79
N ALA A 921 -16.13 -6.09 -6.54
CA ALA A 921 -15.29 -5.77 -7.69
C ALA A 921 -13.83 -5.52 -7.22
N SER A 922 -13.66 -4.79 -6.11
CA SER A 922 -12.31 -4.55 -5.61
C SER A 922 -11.65 -5.89 -5.23
N GLN A 923 -12.40 -6.76 -4.54
CA GLN A 923 -11.85 -8.09 -4.18
C GLN A 923 -11.46 -8.89 -5.44
N SER A 924 -12.21 -8.75 -6.54
CA SER A 924 -11.90 -9.50 -7.76
C SER A 924 -10.55 -9.08 -8.35
N LEU A 925 -10.14 -7.83 -8.09
CA LEU A 925 -8.84 -7.32 -8.54
C LEU A 925 -7.71 -7.69 -7.61
N LEU A 926 -7.93 -7.56 -6.31
CA LEU A 926 -6.85 -7.74 -5.34
C LEU A 926 -6.63 -9.17 -4.90
N ASP A 927 -7.71 -9.94 -4.81
CA ASP A 927 -7.61 -11.33 -4.34
C ASP A 927 -8.42 -12.25 -5.24
N PRO A 928 -7.98 -12.37 -6.51
CA PRO A 928 -8.69 -13.24 -7.44
C PRO A 928 -8.52 -14.72 -7.06
N LEU A 929 -9.25 -15.61 -7.72
CA LEU A 929 -8.93 -17.02 -7.59
C LEU A 929 -7.49 -17.27 -8.05
N ASP A 930 -6.81 -18.20 -7.37
CA ASP A 930 -5.50 -18.71 -7.84
C ASP A 930 -5.71 -19.95 -8.68
N LYS A 931 -4.89 -20.09 -9.73
CA LYS A 931 -5.06 -21.19 -10.68
C LYS A 931 -3.80 -22.03 -10.73
N PHE A 932 -3.97 -23.35 -10.64
CA PHE A 932 -2.86 -24.30 -10.61
C PHE A 932 -3.05 -25.34 -11.74
N ILE A 933 -1.98 -25.63 -12.47
CA ILE A 933 -2.03 -26.62 -13.55
C ILE A 933 -1.18 -27.80 -13.09
N PHE A 934 -1.79 -28.99 -13.04
CA PHE A 934 -1.01 -30.16 -12.60
C PHE A 934 0.12 -30.44 -13.59
N ALA A 935 1.34 -30.59 -13.10
CA ALA A 935 2.50 -30.67 -13.99
C ALA A 935 2.68 -32.03 -14.70
N GLU A 936 2.53 -33.12 -13.95
CA GLU A 936 2.79 -34.46 -14.50
C GLU A 936 1.58 -34.96 -15.30
N ASN A 937 1.71 -36.14 -15.90
CA ASN A 937 0.64 -36.66 -16.74
C ASN A 937 -0.58 -37.14 -15.98
N GLU A 938 -0.35 -37.76 -14.82
CA GLU A 938 -1.42 -38.35 -14.02
C GLU A 938 -1.28 -38.00 -12.54
N TRP A 939 -2.38 -37.55 -11.95
CA TRP A 939 -2.39 -37.22 -10.53
C TRP A 939 -3.06 -38.34 -9.76
N ILE A 940 -2.25 -39.24 -9.21
CA ILE A 940 -2.77 -40.40 -8.48
C ILE A 940 -3.33 -39.95 -7.13
N GLY A 941 -4.56 -40.34 -6.83
CA GLY A 941 -5.16 -39.98 -5.53
C GLY A 941 -5.81 -38.60 -5.50
N ALA A 942 -6.00 -37.96 -6.66
CA ALA A 942 -6.59 -36.63 -6.75
C ALA A 942 -8.00 -36.56 -6.13
N GLN A 943 -8.30 -35.44 -5.45
CA GLN A 943 -9.61 -35.19 -4.86
C GLN A 943 -10.24 -33.94 -5.45
N GLY A 944 -11.57 -33.86 -5.39
CA GLY A 944 -12.32 -32.85 -6.11
C GLY A 944 -12.43 -31.50 -5.43
N GLN A 945 -12.32 -31.47 -4.12
CA GLN A 945 -12.62 -30.26 -3.37
C GLN A 945 -11.95 -30.28 -2.01
N PHE A 946 -11.64 -29.07 -1.52
CA PHE A 946 -11.21 -28.85 -0.14
C PHE A 946 -11.97 -27.66 0.40
N GLY A 947 -12.45 -27.76 1.64
CA GLY A 947 -13.12 -26.62 2.27
C GLY A 947 -14.62 -26.52 2.09
N GLY A 948 -15.27 -27.57 1.57
CA GLY A 948 -16.71 -27.52 1.39
C GLY A 948 -17.47 -27.31 2.70
N ASP A 949 -16.86 -27.69 3.82
CA ASP A 949 -17.46 -27.50 5.13
C ASP A 949 -17.05 -26.19 5.83
N HIS A 950 -16.23 -25.36 5.17
CA HIS A 950 -15.85 -24.06 5.75
C HIS A 950 -17.05 -23.10 5.76
N PRO A 951 -17.28 -22.37 6.86
CA PRO A 951 -18.38 -21.40 6.86
C PRO A 951 -18.25 -20.32 5.79
N SER A 952 -19.37 -19.97 5.17
CA SER A 952 -19.41 -18.92 4.17
C SER A 952 -19.89 -17.65 4.86
N ALA A 953 -18.93 -16.77 5.17
CA ALA A 953 -19.18 -15.64 6.03
C ALA A 953 -19.86 -14.49 5.30
N ARG A 954 -20.51 -13.61 6.04
N ARG A 954 -20.51 -13.61 6.05
CA ARG A 954 -21.15 -12.43 5.46
CA ARG A 954 -21.10 -12.39 5.53
C ARG A 954 -20.15 -11.67 4.58
C ARG A 954 -20.13 -11.65 4.60
N GLU A 955 -20.67 -11.05 3.52
CA GLU A 955 -19.84 -10.50 2.46
C GLU A 955 -18.90 -9.38 2.90
N ASP A 956 -19.24 -8.70 3.98
CA ASP A 956 -18.39 -7.60 4.45
C ASP A 956 -17.23 -8.05 5.34
N LEU A 957 -17.15 -9.35 5.62
CA LEU A 957 -16.10 -9.88 6.51
C LEU A 957 -15.01 -10.55 5.66
N ASP A 958 -13.74 -10.29 6.01
CA ASP A 958 -12.63 -10.98 5.37
C ASP A 958 -11.69 -11.58 6.43
N VAL A 959 -11.08 -12.72 6.10
CA VAL A 959 -9.95 -13.28 6.84
C VAL A 959 -8.71 -12.74 6.12
N SER A 960 -8.28 -11.56 6.53
CA SER A 960 -7.20 -10.84 5.87
C SER A 960 -5.89 -11.63 5.93
N VAL A 961 -5.67 -12.28 7.07
CA VAL A 961 -4.47 -13.09 7.32
C VAL A 961 -4.89 -14.39 8.00
N MET A 962 -4.35 -15.50 7.52
CA MET A 962 -4.33 -16.75 8.26
C MET A 962 -2.87 -17.20 8.25
N ARG A 963 -2.28 -17.41 9.44
CA ARG A 963 -0.86 -17.71 9.55
C ARG A 963 -0.62 -18.68 10.69
N ARG A 964 -0.05 -19.86 10.41
CA ARG A 964 0.36 -20.73 11.50
C ARG A 964 1.59 -20.11 12.16
N LEU A 965 1.56 -20.05 13.49
CA LEU A 965 2.56 -19.31 14.27
C LEU A 965 3.61 -20.19 14.92
N THR A 966 3.40 -21.51 14.84
CA THR A 966 4.30 -22.48 15.45
C THR A 966 4.87 -23.43 14.41
N LYS A 967 6.11 -23.86 14.66
CA LYS A 967 6.75 -24.91 13.87
C LYS A 967 6.27 -26.28 14.35
N SER A 968 6.63 -27.33 13.61
CA SER A 968 6.03 -28.64 13.83
C SER A 968 6.41 -29.25 15.17
N SER A 969 7.51 -28.78 15.78
CA SER A 969 7.99 -29.33 17.06
C SER A 969 7.19 -28.89 18.27
N ALA A 970 6.36 -27.85 18.14
CA ALA A 970 5.56 -27.34 19.25
C ALA A 970 4.41 -28.28 19.59
N LYS A 971 4.36 -28.74 20.85
CA LYS A 971 3.27 -29.58 21.32
C LYS A 971 1.92 -28.91 21.12
N THR A 972 1.85 -27.62 21.44
CA THR A 972 0.62 -26.85 21.23
C THR A 972 0.76 -25.98 19.99
N GLN A 973 0.05 -26.35 18.93
CA GLN A 973 0.05 -25.57 17.69
C GLN A 973 -0.79 -24.30 17.85
N ARG A 974 -0.36 -23.22 17.21
CA ARG A 974 -1.08 -21.95 17.28
C ARG A 974 -1.25 -21.40 15.88
N VAL A 975 -2.47 -20.93 15.59
CA VAL A 975 -2.78 -20.34 14.28
C VAL A 975 -3.39 -18.98 14.52
N GLY A 976 -2.86 -17.99 13.81
CA GLY A 976 -3.31 -16.61 13.94
C GLY A 976 -4.17 -16.19 12.77
N TYR A 977 -5.18 -15.38 13.09
CA TYR A 977 -6.13 -14.84 12.12
C TYR A 977 -6.27 -13.33 12.33
N VAL A 978 -6.23 -12.59 11.23
CA VAL A 978 -6.65 -11.17 11.24
C VAL A 978 -7.98 -11.12 10.50
N LEU A 979 -9.01 -10.64 11.20
CA LEU A 979 -10.35 -10.49 10.65
C LEU A 979 -10.67 -9.02 10.47
N HIS A 980 -11.11 -8.67 9.26
CA HIS A 980 -11.47 -7.29 8.96
C HIS A 980 -12.91 -7.23 8.46
N ARG A 981 -13.77 -6.43 9.10
N ARG A 981 -13.69 -6.35 9.06
CA ARG A 981 -15.08 -6.17 8.50
CA ARG A 981 -15.03 -6.11 8.58
C ARG A 981 -15.13 -4.76 7.97
C ARG A 981 -15.07 -4.72 7.97
N THR A 982 -15.41 -4.64 6.69
CA THR A 982 -15.61 -3.34 6.06
C THR A 982 -17.04 -2.85 6.37
N ASN A 983 -17.44 -1.72 5.81
CA ASN A 983 -18.82 -1.27 5.95
C ASN A 983 -19.37 -0.98 4.58
N LEU A 984 -20.46 -1.67 4.23
CA LEU A 984 -21.11 -1.51 2.93
C LEU A 984 -22.41 -0.76 3.07
N MET A 985 -22.75 0.06 2.08
CA MET A 985 -24.01 0.82 2.20
C MET A 985 -25.23 -0.08 2.14
N GLN A 986 -26.25 0.27 2.93
CA GLN A 986 -27.55 -0.38 2.85
CA GLN A 986 -27.54 -0.38 2.85
C GLN A 986 -28.31 0.27 1.71
N CYS A 987 -28.66 -0.52 0.68
CA CYS A 987 -29.37 0.03 -0.48
C CYS A 987 -30.64 -0.75 -0.83
N GLY A 988 -31.15 -1.53 0.11
CA GLY A 988 -32.44 -2.20 -0.10
C GLY A 988 -32.35 -3.58 -0.67
N THR A 989 -31.15 -4.15 -0.74
CA THR A 989 -31.02 -5.55 -1.13
C THR A 989 -31.18 -6.41 0.12
N PRO A 990 -32.25 -7.23 0.16
CA PRO A 990 -32.51 -8.05 1.35
C PRO A 990 -31.31 -8.92 1.66
N GLU A 991 -30.95 -8.99 2.94
CA GLU A 991 -29.84 -9.83 3.37
C GLU A 991 -30.26 -11.30 3.32
N GLU A 992 -29.40 -12.12 2.74
CA GLU A 992 -29.58 -13.58 2.83
C GLU A 992 -28.80 -14.07 4.03
N HIS A 993 -29.35 -15.08 4.70
CA HIS A 993 -28.66 -15.72 5.80
C HIS A 993 -27.31 -16.25 5.34
N THR A 994 -26.28 -15.94 6.14
CA THR A 994 -24.94 -16.48 5.93
C THR A 994 -24.54 -17.16 7.23
N GLN A 995 -23.43 -17.88 7.23
CA GLN A 995 -23.02 -18.56 8.45
C GLN A 995 -22.05 -17.73 9.27
N LYS A 996 -22.18 -17.83 10.58
CA LYS A 996 -21.22 -17.26 11.52
C LYS A 996 -19.85 -17.87 11.24
N LEU A 997 -18.84 -17.00 11.15
CA LEU A 997 -17.50 -17.49 11.01
C LEU A 997 -16.80 -17.41 12.36
N ASP A 998 -16.43 -18.56 12.90
CA ASP A 998 -15.64 -18.61 14.11
C ASP A 998 -14.27 -19.15 13.72
N VAL A 999 -13.28 -18.25 13.59
CA VAL A 999 -11.96 -18.71 13.14
C VAL A 999 -11.32 -19.71 14.09
N CYS A 1000 -11.67 -19.66 15.37
CA CYS A 1000 -11.00 -20.54 16.33
C CYS A 1000 -11.36 -22.02 16.18
N HIS A 1001 -12.45 -22.31 15.45
CA HIS A 1001 -12.83 -23.69 15.17
C HIS A 1001 -12.54 -24.14 13.71
N LEU A 1002 -11.81 -23.34 12.94
CA LEU A 1002 -11.45 -23.74 11.57
C LEU A 1002 -10.51 -24.94 11.55
N LEU A 1003 -9.64 -25.03 12.55
CA LEU A 1003 -8.79 -26.22 12.71
C LEU A 1003 -9.33 -27.03 13.87
N PRO A 1004 -9.21 -28.36 13.77
CA PRO A 1004 -9.80 -29.20 14.81
C PRO A 1004 -9.00 -29.20 16.11
N ASN A 1005 -9.62 -29.73 17.16
CA ASN A 1005 -8.96 -29.93 18.44
C ASN A 1005 -8.53 -28.63 19.09
N VAL A 1006 -9.34 -27.59 18.96
CA VAL A 1006 -9.05 -26.33 19.64
C VAL A 1006 -9.07 -26.53 21.17
N ALA A 1007 -8.07 -25.96 21.82
CA ALA A 1007 -7.91 -26.02 23.28
C ALA A 1007 -7.99 -24.64 23.92
N ARG A 1008 -7.77 -23.57 23.14
CA ARG A 1008 -7.84 -22.19 23.64
C ARG A 1008 -8.04 -21.26 22.46
N CYS A 1009 -8.70 -20.13 22.70
CA CYS A 1009 -8.88 -19.07 21.68
C CYS A 1009 -8.66 -17.75 22.40
N GLU A 1010 -7.77 -16.93 21.85
CA GLU A 1010 -7.40 -15.66 22.46
C GLU A 1010 -7.55 -14.54 21.44
N ARG A 1011 -8.07 -13.40 21.90
CA ARG A 1011 -7.94 -12.18 21.10
C ARG A 1011 -6.56 -11.59 21.38
N THR A 1012 -5.87 -11.18 20.32
CA THR A 1012 -4.53 -10.63 20.44
C THR A 1012 -4.42 -9.26 19.76
N THR A 1013 -3.31 -8.57 19.99
CA THR A 1013 -2.95 -7.45 19.14
C THR A 1013 -2.79 -7.93 17.69
N LEU A 1014 -2.81 -6.98 16.75
CA LEU A 1014 -2.84 -7.41 15.33
C LEU A 1014 -1.56 -8.09 14.86
N THR A 1015 -0.47 -7.87 15.60
CA THR A 1015 0.82 -8.49 15.36
C THR A 1015 0.93 -9.90 15.98
N PHE A 1016 -0.11 -10.31 16.70
CA PHE A 1016 -0.18 -11.60 17.44
C PHE A 1016 0.73 -11.63 18.67
N LEU A 1017 1.35 -10.51 19.06
CA LEU A 1017 2.40 -10.55 20.09
C LEU A 1017 1.93 -10.41 21.52
N GLN A 1018 0.68 -9.99 21.74
CA GLN A 1018 0.14 -9.86 23.10
C GLN A 1018 -1.26 -10.40 23.16
N ASN A 1019 -1.51 -11.25 24.16
CA ASN A 1019 -2.85 -11.76 24.40
C ASN A 1019 -3.65 -10.73 25.15
N LEU A 1020 -4.84 -10.43 24.66
CA LEU A 1020 -5.71 -9.40 25.21
C LEU A 1020 -6.94 -9.95 25.92
N GLU A 1021 -7.42 -11.10 25.47
CA GLU A 1021 -8.64 -11.71 26.02
C GLU A 1021 -8.59 -13.21 25.85
N HIS A 1022 -8.97 -13.93 26.89
CA HIS A 1022 -9.15 -15.38 26.83
C HIS A 1022 -10.63 -15.61 26.57
N LEU A 1023 -10.94 -16.26 25.45
CA LEU A 1023 -12.32 -16.26 24.93
C LEU A 1023 -13.16 -17.43 25.38
N ASP A 1024 -14.34 -17.11 25.90
CA ASP A 1024 -15.32 -18.08 26.39
C ASP A 1024 -15.74 -19.04 25.31
N GLY A 1025 -15.69 -20.32 25.65
CA GLY A 1025 -16.14 -21.37 24.77
C GLY A 1025 -15.26 -21.54 23.55
N MET A 1026 -14.09 -20.90 23.58
CA MET A 1026 -13.13 -20.96 22.47
C MET A 1026 -13.71 -20.44 21.15
N VAL A 1027 -14.60 -19.45 21.26
CA VAL A 1027 -15.28 -18.88 20.11
C VAL A 1027 -14.80 -17.45 19.87
N ALA A 1028 -14.31 -17.21 18.65
CA ALA A 1028 -13.82 -15.89 18.25
C ALA A 1028 -15.00 -15.14 17.70
N PRO A 1029 -15.43 -14.07 18.39
CA PRO A 1029 -16.55 -13.31 17.86
C PRO A 1029 -16.20 -12.57 16.56
N GLU A 1030 -17.19 -12.40 15.68
CA GLU A 1030 -17.01 -11.51 14.56
C GLU A 1030 -16.91 -10.05 15.02
N VAL A 1031 -16.32 -9.23 14.17
CA VAL A 1031 -16.01 -7.86 14.51
C VAL A 1031 -17.04 -6.91 13.95
N CYS A 1032 -17.03 -5.70 14.48
CA CYS A 1032 -17.92 -4.63 14.05
C CYS A 1032 -17.52 -4.01 12.71
N PRO A 1033 -18.46 -3.33 12.05
CA PRO A 1033 -18.09 -2.63 10.82
C PRO A 1033 -16.93 -1.66 11.02
N MET A 1034 -15.99 -1.71 10.09
CA MET A 1034 -14.76 -0.92 10.08
C MET A 1034 -13.74 -1.33 11.13
N GLU A 1035 -13.98 -2.41 11.85
CA GLU A 1035 -13.03 -2.88 12.85
C GLU A 1035 -12.20 -4.05 12.30
N THR A 1036 -11.03 -4.22 12.91
CA THR A 1036 -10.09 -5.30 12.57
C THR A 1036 -9.67 -5.89 13.91
N ALA A 1037 -9.71 -7.22 14.03
CA ALA A 1037 -9.32 -7.92 15.24
C ALA A 1037 -8.42 -9.08 14.87
N ALA A 1038 -7.63 -9.55 15.83
CA ALA A 1038 -6.79 -10.71 15.62
C ALA A 1038 -7.11 -11.74 16.68
N TYR A 1039 -7.07 -13.01 16.28
CA TYR A 1039 -7.32 -14.13 17.17
C TYR A 1039 -6.28 -15.19 16.94
N VAL A 1040 -5.93 -15.89 18.02
CA VAL A 1040 -5.02 -17.02 17.90
C VAL A 1040 -5.71 -18.22 18.52
N SER A 1041 -5.83 -19.29 17.74
CA SER A 1041 -6.34 -20.56 18.25
C SER A 1041 -5.19 -21.48 18.58
N SER A 1042 -5.31 -22.20 19.70
CA SER A 1042 -4.31 -23.18 20.14
C SER A 1042 -4.91 -24.58 20.02
N HIS A 1043 -4.13 -25.55 19.54
CA HIS A 1043 -4.66 -26.89 19.21
C HIS A 1043 -3.78 -27.94 19.82
N SER A 1044 -4.46 -28.88 20.48
CA SER A 1044 -3.80 -29.92 21.27
C SER A 1044 -3.40 -31.06 20.37
N SER A 1045 -3.91 -30.98 19.14
CA SER A 1045 -4.00 -32.01 18.11
C SER A 1045 -3.62 -33.42 18.51
C1 NAG B . 11.82 -9.74 29.30
C2 NAG B . 12.42 -10.71 30.32
C3 NAG B . 11.56 -10.84 31.57
C4 NAG B . 11.39 -9.47 32.21
C5 NAG B . 10.82 -8.43 31.23
C6 NAG B . 11.36 -7.03 31.56
C7 NAG B . 11.63 -12.88 29.20
C8 NAG B . 10.15 -12.54 29.22
N2 NAG B . 12.55 -12.04 29.69
O3 NAG B . 12.20 -11.73 32.48
O4 NAG B . 10.54 -9.59 33.35
O5 NAG B . 10.98 -8.69 29.82
O6 NAG B . 12.57 -6.75 30.84
O7 NAG B . 11.98 -13.94 28.70
ZN ZN C . 14.07 8.36 4.14
C1 MRD D . 12.02 28.14 2.50
C2 MRD D . 12.46 26.82 3.09
O2 MRD D . 11.34 26.26 3.81
CM MRD D . 12.83 25.87 1.95
C3 MRD D . 13.62 27.18 4.02
C4 MRD D . 14.28 26.05 4.82
O4 MRD D . 14.74 26.63 6.07
C5 MRD D . 15.46 25.45 4.06
O10 HN2 E . 13.54 15.86 1.49
C10 HN2 E . 14.59 15.44 1.02
C11 HN2 E . 15.54 16.42 0.39
C16 HN2 E . 15.19 17.78 0.38
C15 HN2 E . 16.04 18.71 -0.21
C14 HN2 E . 17.23 18.28 -0.80
C13 HN2 E . 17.57 16.92 -0.83
C12 HN2 E . 16.72 15.98 -0.21
C9 HN2 E . 14.91 13.96 0.98
C5 HN2 E . 13.97 13.10 1.84
C6 HN2 E . 12.57 12.95 1.22
C7 HN2 E . 12.58 12.07 -0.03
C8 HN2 E . 13.13 10.68 0.25
O8 HN2 E . 13.28 9.95 -0.96
C8A HN2 E . 14.50 10.82 0.91
C1 HN2 E . 15.13 9.54 1.46
O1 HN2 E . 14.15 8.61 2.04
N4 HN2 E . 14.45 11.71 2.08
C3 HN2 E . 15.80 11.57 2.68
C2 HN2 E . 16.08 10.06 2.54
O2 HN2 E . 15.86 9.35 3.79
#